data_5BWV
#
_entry.id   5BWV
#
_cell.length_a   69.570
_cell.length_b   105.936
_cell.length_c   108.030
_cell.angle_alpha   90.000
_cell.angle_beta   90.000
_cell.angle_gamma   90.000
#
_symmetry.space_group_name_H-M   'P 21 21 21'
#
loop_
_entity.id
_entity.type
_entity.pdbx_description
1 polymer 'Branched-chain-amino-acid aminotransferase, mitochondrial'
2 non-polymer "PYRIDOXAL-5'-PHOSPHATE"
3 non-polymer 2-[(4-chlorobenzyl)amino]-7-oxo-5-propyl-4,7-dihydropyrazolo[1,5-a]pyrimidine-3-carbonitrile
4 non-polymer 'CHLORIDE ION'
5 non-polymer 1,2-ETHANEDIOL
6 non-polymer GLYCEROL
7 water water
#
_entity_poly.entity_id   1
_entity_poly.type   'polypeptide(L)'
_entity_poly.pdbx_seq_one_letter_code
;GSHMASSSFKAADLQLEMTQKPHKKPGPGEPLVFGKTFTDHMLMVEWNDKGWGQPRIQPFQNLTLHPASSSLHYSLQLFE
GMKAFKGKDQQVRLFRPWLNMDRMLRSAMRLCLPSFDKLELLECIRRLIEVDKDWVPDAAGTSLYVRPVLIGNEPSLGVS
QPTRALLFVILCPVGAYFPGGSVTPVSLLADPAFIRAWVGGVGNYKLGGNYGPTVLVQQEALKRGCEQVLWLYGPDHQLT
EVGTMNIFVYWTHEDGVLELVTPPLNGVILPGVVRQSLLDMAQTWGEFRVVERTITMKQLLRALEEGRVREVFGSGTACQ
VCPVHRILYKDRNLHIPTMENGPELILRFQKELKEIQYGIRAHEWMFPV
;
_entity_poly.pdbx_strand_id   A,B
#
loop_
_chem_comp.id
_chem_comp.type
_chem_comp.name
_chem_comp.formula
775 non-polymer 2-[(4-chlorobenzyl)amino]-7-oxo-5-propyl-4,7-dihydropyrazolo[1,5-a]pyrimidine-3-carbonitrile 'C17 H16 Cl N5 O'
CL non-polymer 'CHLORIDE ION' 'Cl -1'
EDO non-polymer 1,2-ETHANEDIOL 'C2 H6 O2'
GOL non-polymer GLYCEROL 'C3 H8 O3'
PLP non-polymer PYRIDOXAL-5'-PHOSPHATE 'C8 H10 N O6 P'
#
# COMPACT_ATOMS: atom_id res chain seq x y z
N SER A 7 10.79 5.09 -26.58
CA SER A 7 10.81 5.88 -25.30
C SER A 7 11.55 5.12 -24.18
N SER A 8 11.43 3.80 -24.11
CA SER A 8 12.10 3.02 -23.07
C SER A 8 13.59 3.33 -22.98
N PHE A 9 14.15 3.13 -21.79
CA PHE A 9 15.60 3.15 -21.64
C PHE A 9 16.15 1.96 -22.43
N LYS A 10 17.40 2.08 -22.88
CA LYS A 10 18.05 1.05 -23.69
C LYS A 10 19.32 0.55 -23.04
N ALA A 11 19.46 -0.77 -23.01
CA ALA A 11 20.67 -1.39 -22.48
C ALA A 11 21.92 -0.90 -23.22
N ALA A 12 21.76 -0.59 -24.50
CA ALA A 12 22.85 -0.04 -25.33
C ALA A 12 23.42 1.26 -24.77
N ASP A 13 22.62 1.96 -23.95
CA ASP A 13 22.99 3.23 -23.36
C ASP A 13 23.52 3.10 -21.93
N LEU A 14 23.67 1.87 -21.44
CA LEU A 14 24.14 1.60 -20.10
C LEU A 14 25.40 2.35 -19.73
N GLN A 15 25.35 3.01 -18.57
CA GLN A 15 26.48 3.66 -17.95
C GLN A 15 26.98 2.71 -16.87
N LEU A 16 28.27 2.42 -16.84
CA LEU A 16 28.84 1.53 -15.86
C LEU A 16 29.79 2.26 -14.91
N GLU A 17 29.51 2.19 -13.62
CA GLU A 17 30.39 2.71 -12.60
C GLU A 17 30.77 1.57 -11.67
N MET A 18 32.01 1.10 -11.77
CA MET A 18 32.45 0.00 -10.92
C MET A 18 32.80 0.49 -9.52
N THR A 19 32.56 -0.35 -8.53
CA THR A 19 32.79 0.03 -7.15
C THR A 19 34.27 0.13 -6.89
N GLN A 20 34.62 1.07 -6.03
CA GLN A 20 35.98 1.26 -5.53
C GLN A 20 36.11 0.71 -4.11
N LYS A 21 35.00 0.27 -3.52
CA LYS A 21 34.97 -0.27 -2.17
C LYS A 21 34.13 -1.53 -2.14
N PRO A 22 34.67 -2.63 -2.69
CA PRO A 22 33.91 -3.86 -2.76
C PRO A 22 33.69 -4.40 -1.37
N HIS A 23 32.55 -5.04 -1.15
CA HIS A 23 32.25 -5.58 0.14
C HIS A 23 32.79 -6.98 0.26
N LYS A 24 33.12 -7.36 1.49
CA LYS A 24 33.57 -8.72 1.74
C LYS A 24 32.36 -9.63 1.52
N LYS A 25 32.55 -10.70 0.76
CA LYS A 25 31.48 -11.65 0.50
C LYS A 25 31.26 -12.59 1.69
N PRO A 26 30.06 -13.19 1.79
CA PRO A 26 29.74 -14.12 2.88
C PRO A 26 30.81 -15.20 3.04
N PRO A 31 26.35 -18.68 6.82
CA PRO A 31 25.02 -19.03 6.39
C PRO A 31 24.23 -17.80 5.95
N LEU A 32 23.72 -17.83 4.72
CA LEU A 32 23.01 -16.70 4.11
C LEU A 32 21.61 -16.58 4.69
N VAL A 33 21.27 -15.40 5.22
CA VAL A 33 19.93 -15.11 5.75
C VAL A 33 19.17 -14.30 4.69
N PHE A 34 17.97 -14.76 4.32
CA PHE A 34 17.26 -14.20 3.17
C PHE A 34 17.09 -12.68 3.21
N GLY A 35 17.49 -12.03 2.11
CA GLY A 35 17.24 -10.61 1.92
C GLY A 35 17.96 -9.63 2.81
N LYS A 36 19.05 -10.04 3.44
CA LYS A 36 19.79 -9.12 4.30
C LYS A 36 21.21 -8.80 3.83
N THR A 37 21.74 -9.60 2.89
CA THR A 37 23.09 -9.38 2.35
C THR A 37 23.00 -8.92 0.90
N PHE A 38 23.66 -7.81 0.58
CA PHE A 38 23.55 -7.25 -0.77
C PHE A 38 24.88 -7.27 -1.50
N THR A 39 24.80 -7.39 -2.83
CA THR A 39 25.99 -7.40 -3.68
C THR A 39 26.56 -5.96 -3.87
N ASP A 40 27.66 -5.87 -4.62
CA ASP A 40 28.39 -4.61 -4.79
C ASP A 40 27.73 -3.57 -5.67
N HIS A 41 26.90 -3.99 -6.62
CA HIS A 41 26.30 -3.06 -7.57
C HIS A 41 24.79 -3.13 -7.63
N MET A 42 24.22 -2.09 -8.24
CA MET A 42 22.77 -1.96 -8.44
C MET A 42 22.50 -1.28 -9.77
N LEU A 43 21.29 -1.51 -10.30
CA LEU A 43 20.83 -0.81 -11.50
C LEU A 43 19.96 0.36 -11.05
N MET A 44 20.11 1.49 -11.73
CA MET A 44 19.31 2.67 -11.48
C MET A 44 18.87 3.26 -12.81
N VAL A 45 17.58 3.57 -12.95
CA VAL A 45 17.11 4.35 -14.11
C VAL A 45 16.03 5.33 -13.64
N GLU A 46 16.12 6.59 -14.07
CA GLU A 46 15.15 7.60 -13.66
C GLU A 46 14.23 7.94 -14.84
N TRP A 47 12.98 8.27 -14.53
CA TRP A 47 11.99 8.69 -15.54
C TRP A 47 11.41 10.03 -15.11
N ASN A 48 11.21 10.93 -16.06
CA ASN A 48 10.61 12.21 -15.76
C ASN A 48 9.89 12.74 -17.00
N ASP A 49 9.60 14.05 -17.05
CA ASP A 49 8.89 14.62 -18.22
C ASP A 49 9.60 14.37 -19.56
N LYS A 50 10.93 14.28 -19.53
CA LYS A 50 11.72 13.99 -20.74
C LYS A 50 11.74 12.49 -21.11
N GLY A 51 11.13 11.64 -20.28
CA GLY A 51 11.08 10.21 -20.51
C GLY A 51 12.13 9.48 -19.68
N TRP A 52 12.54 8.30 -20.14
CA TRP A 52 13.55 7.55 -19.41
C TRP A 52 14.93 8.13 -19.66
N GLY A 53 15.69 8.27 -18.58
CA GLY A 53 17.10 8.55 -18.66
C GLY A 53 17.83 7.29 -19.11
N GLN A 54 19.15 7.38 -19.17
CA GLN A 54 19.98 6.22 -19.49
C GLN A 54 20.15 5.32 -18.27
N PRO A 55 20.08 4.01 -18.49
CA PRO A 55 20.25 3.10 -17.36
C PRO A 55 21.67 3.07 -16.86
N ARG A 56 21.84 2.80 -15.57
CA ARG A 56 23.13 2.86 -14.95
C ARG A 56 23.39 1.71 -13.99
N ILE A 57 24.55 1.07 -14.13
CA ILE A 57 25.00 0.08 -13.16
C ILE A 57 26.03 0.81 -12.31
N GLN A 58 25.75 0.91 -11.02
CA GLN A 58 26.60 1.66 -10.09
C GLN A 58 26.81 0.95 -8.75
N PRO A 59 27.76 1.43 -7.94
CA PRO A 59 27.92 0.82 -6.64
C PRO A 59 26.67 0.95 -5.81
N PHE A 60 26.39 -0.11 -5.05
CA PHE A 60 25.27 -0.16 -4.12
C PHE A 60 25.37 1.04 -3.21
N GLN A 61 24.30 1.80 -3.11
CA GLN A 61 24.34 3.05 -2.36
C GLN A 61 22.91 3.47 -2.03
N ASN A 62 22.78 4.37 -1.06
CA ASN A 62 21.46 4.83 -0.65
C ASN A 62 20.73 5.61 -1.72
N LEU A 63 19.41 5.62 -1.62
CA LEU A 63 18.58 6.42 -2.49
C LEU A 63 18.43 7.79 -1.83
N THR A 64 18.24 8.81 -2.66
CA THR A 64 18.02 10.19 -2.18
C THR A 64 16.65 10.59 -2.66
N LEU A 65 15.71 10.79 -1.73
CA LEU A 65 14.35 11.08 -2.07
C LEU A 65 13.82 12.37 -1.43
N HIS A 66 13.11 13.15 -2.23
CA HIS A 66 12.40 14.35 -1.76
C HIS A 66 11.39 13.86 -0.70
N PRO A 67 11.22 14.62 0.41
CA PRO A 67 10.31 14.18 1.48
C PRO A 67 8.85 14.01 1.06
N ALA A 68 8.43 14.66 -0.02
CA ALA A 68 7.06 14.55 -0.55
C ALA A 68 6.89 13.44 -1.59
N SER A 69 7.96 12.68 -1.85
CA SER A 69 7.92 11.63 -2.84
C SER A 69 6.68 10.76 -2.69
N SER A 70 5.96 10.59 -3.78
CA SER A 70 4.71 9.82 -3.74
C SER A 70 4.91 8.34 -3.44
N SER A 71 6.15 7.84 -3.56
CA SER A 71 6.50 6.49 -3.15
C SER A 71 6.28 6.26 -1.67
N LEU A 72 6.44 7.33 -0.87
CA LEU A 72 6.40 7.25 0.58
C LEU A 72 5.07 7.68 1.20
N HIS A 73 4.29 8.47 0.48
CA HIS A 73 2.97 8.94 0.96
C HIS A 73 1.81 8.12 0.45
N TYR A 74 1.81 7.76 -0.83
CA TYR A 74 0.69 7.06 -1.44
C TYR A 74 1.07 5.70 -2.02
N SER A 75 2.18 5.14 -1.55
CA SER A 75 2.57 3.78 -1.91
C SER A 75 2.57 3.53 -3.42
N LEU A 76 3.14 4.48 -4.18
CA LEU A 76 3.35 4.30 -5.62
C LEU A 76 4.66 3.53 -5.72
N GLN A 77 4.52 2.22 -5.53
CA GLN A 77 5.65 1.29 -5.41
C GLN A 77 5.23 -0.14 -5.73
N LEU A 78 6.12 -0.85 -6.45
CA LEU A 78 5.89 -2.25 -6.80
C LEU A 78 7.26 -2.90 -6.87
N PHE A 79 7.28 -4.22 -6.81
CA PHE A 79 8.55 -4.92 -6.85
C PHE A 79 8.40 -6.25 -7.54
N GLU A 80 9.54 -6.87 -7.78
CA GLU A 80 9.61 -8.22 -8.31
C GLU A 80 10.59 -9.05 -7.55
N GLY A 81 10.54 -10.36 -7.77
CA GLY A 81 11.46 -11.26 -7.14
C GLY A 81 11.72 -12.44 -8.05
N MET A 82 12.98 -12.65 -8.40
CA MET A 82 13.32 -13.80 -9.24
C MET A 82 14.74 -14.26 -8.92
N LYS A 83 15.06 -15.50 -9.32
CA LYS A 83 16.34 -16.10 -8.95
C LYS A 83 17.23 -16.42 -10.15
N ALA A 84 18.54 -16.21 -9.94
CA ALA A 84 19.59 -16.66 -10.84
C ALA A 84 20.32 -17.79 -10.14
N PHE A 85 20.72 -18.80 -10.91
CA PHE A 85 21.38 -19.99 -10.36
C PHE A 85 22.72 -20.24 -11.11
N LYS A 86 23.73 -20.67 -10.36
CA LYS A 86 25.04 -20.94 -10.92
C LYS A 86 25.27 -22.46 -11.00
N GLY A 87 25.42 -22.97 -12.23
CA GLY A 87 25.72 -24.37 -12.47
C GLY A 87 27.19 -24.70 -12.16
N LYS A 88 27.50 -25.98 -12.09
CA LYS A 88 28.86 -26.46 -11.74
C LYS A 88 29.98 -25.78 -12.54
N ASP A 89 29.75 -25.54 -13.83
CA ASP A 89 30.74 -24.90 -14.71
C ASP A 89 30.72 -23.36 -14.66
N GLN A 90 30.02 -22.81 -13.68
CA GLN A 90 29.93 -21.37 -13.41
C GLN A 90 29.00 -20.58 -14.33
N GLN A 91 28.30 -21.25 -15.25
CA GLN A 91 27.31 -20.57 -16.06
C GLN A 91 26.13 -20.15 -15.15
N VAL A 92 25.75 -18.89 -15.23
CA VAL A 92 24.66 -18.38 -14.39
C VAL A 92 23.44 -18.27 -15.30
N ARG A 93 22.28 -18.64 -14.75
CA ARG A 93 21.03 -18.59 -15.50
C ARG A 93 19.88 -18.09 -14.64
N LEU A 94 19.01 -17.27 -15.23
CA LEU A 94 17.81 -16.78 -14.55
C LEU A 94 16.64 -17.71 -14.88
N PHE A 95 15.77 -17.92 -13.90
CA PHE A 95 14.59 -18.77 -14.06
C PHE A 95 13.41 -17.97 -14.60
N ARG A 96 12.94 -18.34 -15.80
CA ARG A 96 11.77 -17.73 -16.45
C ARG A 96 11.62 -16.20 -16.22
N PRO A 97 12.69 -15.42 -16.48
CA PRO A 97 12.64 -13.99 -16.15
C PRO A 97 11.63 -13.20 -16.94
N TRP A 98 11.29 -13.68 -18.15
CA TRP A 98 10.28 -13.05 -19.00
C TRP A 98 8.95 -12.89 -18.26
N LEU A 99 8.57 -13.88 -17.46
CA LEU A 99 7.31 -13.83 -16.72
C LEU A 99 7.31 -12.74 -15.63
N ASN A 100 8.46 -12.53 -15.00
CA ASN A 100 8.60 -11.45 -14.02
C ASN A 100 8.56 -10.10 -14.67
N MET A 101 9.20 -9.95 -15.83
CA MET A 101 9.11 -8.70 -16.57
C MET A 101 7.66 -8.40 -16.97
N ASP A 102 6.94 -9.42 -17.45
CA ASP A 102 5.53 -9.28 -17.81
C ASP A 102 4.72 -8.79 -16.60
N ARG A 103 4.95 -9.43 -15.47
CA ARG A 103 4.21 -9.13 -14.25
C ARG A 103 4.54 -7.74 -13.73
N MET A 104 5.82 -7.38 -13.80
CA MET A 104 6.28 -6.06 -13.37
C MET A 104 5.59 -4.97 -14.17
N LEU A 105 5.45 -5.17 -15.47
CA LEU A 105 4.80 -4.21 -16.33
C LEU A 105 3.31 -4.11 -16.02
N ARG A 106 2.65 -5.25 -15.75
CA ARG A 106 1.24 -5.22 -15.35
C ARG A 106 1.09 -4.41 -14.04
N SER A 107 2.01 -4.63 -13.11
CA SER A 107 2.02 -3.85 -11.86
C SER A 107 2.15 -2.34 -12.10
N ALA A 108 3.07 -1.97 -12.99
CA ALA A 108 3.33 -0.58 -13.35
C ALA A 108 2.09 0.09 -13.91
N MET A 109 1.45 -0.58 -14.87
CA MET A 109 0.22 -0.06 -15.44
C MET A 109 -0.88 0.15 -14.38
N ARG A 110 -0.99 -0.79 -13.44
CA ARG A 110 -2.03 -0.72 -12.42
C ARG A 110 -1.84 0.50 -11.50
N LEU A 111 -0.59 0.92 -11.28
CA LEU A 111 -0.29 2.10 -10.45
C LEU A 111 0.04 3.37 -11.25
N CYS A 112 -0.24 3.35 -12.56
CA CYS A 112 0.01 4.51 -13.44
C CYS A 112 1.46 4.97 -13.39
N LEU A 113 2.36 4.01 -13.36
CA LEU A 113 3.77 4.27 -13.38
C LEU A 113 4.22 4.00 -14.82
N PRO A 114 5.36 4.54 -15.23
CA PRO A 114 5.73 4.47 -16.63
C PRO A 114 6.06 3.07 -17.16
N SER A 115 5.60 2.82 -18.38
CA SER A 115 5.92 1.62 -19.12
C SER A 115 7.41 1.64 -19.51
N PHE A 116 7.96 0.46 -19.74
CA PHE A 116 9.34 0.31 -20.18
C PHE A 116 9.36 -0.93 -21.06
N ASP A 117 10.48 -1.15 -21.74
CA ASP A 117 10.62 -2.30 -22.63
C ASP A 117 11.16 -3.47 -21.82
N LYS A 118 10.37 -4.54 -21.76
CA LYS A 118 10.68 -5.71 -20.95
C LYS A 118 12.02 -6.36 -21.29
N LEU A 119 12.34 -6.42 -22.58
CA LEU A 119 13.61 -7.01 -23.00
C LEU A 119 14.79 -6.09 -22.73
N GLU A 120 14.57 -4.77 -22.73
CA GLU A 120 15.65 -3.85 -22.39
C GLU A 120 15.96 -4.00 -20.92
N LEU A 121 14.93 -4.08 -20.07
CA LEU A 121 15.17 -4.25 -18.63
C LEU A 121 15.87 -5.56 -18.35
N LEU A 122 15.41 -6.62 -19.03
CA LEU A 122 16.01 -7.93 -18.86
C LEU A 122 17.49 -7.92 -19.17
N GLU A 123 17.88 -7.27 -20.26
CA GLU A 123 19.31 -7.15 -20.63
C GLU A 123 20.08 -6.30 -19.61
N CYS A 124 19.48 -5.21 -19.13
CA CYS A 124 20.13 -4.42 -18.08
C CYS A 124 20.37 -5.29 -16.82
N ILE A 125 19.37 -6.09 -16.48
CA ILE A 125 19.50 -7.00 -15.37
C ILE A 125 20.58 -8.07 -15.63
N ARG A 126 20.61 -8.62 -16.83
CA ARG A 126 21.66 -9.58 -17.21
C ARG A 126 23.05 -8.96 -16.98
N ARG A 127 23.25 -7.75 -17.47
CA ARG A 127 24.51 -7.01 -17.33
C ARG A 127 24.88 -6.78 -15.87
N LEU A 128 23.88 -6.43 -15.05
CA LEU A 128 24.13 -6.23 -13.62
C LEU A 128 24.60 -7.53 -12.97
N ILE A 129 23.91 -8.63 -13.25
CA ILE A 129 24.30 -9.92 -12.66
C ILE A 129 25.70 -10.34 -13.16
N GLU A 130 25.98 -10.06 -14.43
CA GLU A 130 27.29 -10.36 -15.01
C GLU A 130 28.37 -9.62 -14.23
N VAL A 131 28.17 -8.32 -14.04
CA VAL A 131 29.12 -7.55 -13.23
C VAL A 131 29.32 -8.17 -11.84
N ASP A 132 28.22 -8.59 -11.20
CA ASP A 132 28.28 -9.18 -9.86
C ASP A 132 28.27 -10.71 -9.85
N LYS A 133 28.77 -11.32 -10.92
CA LYS A 133 28.69 -12.78 -11.12
C LYS A 133 29.31 -13.59 -10.02
N ASP A 134 30.38 -13.05 -9.42
CA ASP A 134 31.09 -13.72 -8.35
C ASP A 134 30.30 -13.76 -7.05
N TRP A 135 29.24 -12.96 -6.94
CA TRP A 135 28.34 -13.02 -5.79
C TRP A 135 27.34 -14.18 -5.87
N VAL A 136 27.15 -14.76 -7.05
CA VAL A 136 26.21 -15.88 -7.22
C VAL A 136 26.87 -17.14 -6.63
N PRO A 137 26.32 -17.66 -5.54
CA PRO A 137 26.89 -18.85 -4.90
C PRO A 137 26.62 -20.10 -5.74
N ASP A 138 27.38 -21.18 -5.52
CA ASP A 138 27.15 -22.39 -6.31
C ASP A 138 26.99 -23.65 -5.47
N ALA A 139 26.85 -23.50 -4.15
CA ALA A 139 26.54 -24.63 -3.29
C ALA A 139 25.10 -25.08 -3.59
N ALA A 140 24.80 -26.34 -3.28
CA ALA A 140 23.47 -26.89 -3.50
C ALA A 140 22.50 -26.04 -2.71
N GLY A 141 21.34 -25.77 -3.32
CA GLY A 141 20.28 -25.01 -2.66
C GLY A 141 20.51 -23.51 -2.59
N THR A 142 21.61 -23.00 -3.16
CA THR A 142 21.89 -21.56 -3.13
C THR A 142 21.61 -20.88 -4.48
N SER A 143 21.42 -19.56 -4.44
CA SER A 143 21.02 -18.82 -5.61
C SER A 143 21.26 -17.34 -5.38
N LEU A 144 21.02 -16.53 -6.41
CA LEU A 144 21.03 -15.09 -6.29
C LEU A 144 19.60 -14.60 -6.44
N TYR A 145 19.12 -13.84 -5.46
CA TYR A 145 17.77 -13.27 -5.50
C TYR A 145 17.87 -11.88 -6.10
N VAL A 146 17.06 -11.64 -7.13
CA VAL A 146 17.04 -10.40 -7.86
C VAL A 146 15.78 -9.63 -7.47
N ARG A 147 15.96 -8.37 -7.05
CA ARG A 147 14.84 -7.54 -6.60
C ARG A 147 14.71 -6.24 -7.40
N PRO A 148 13.95 -6.28 -8.52
CA PRO A 148 13.63 -5.04 -9.22
C PRO A 148 12.55 -4.28 -8.45
N VAL A 149 12.61 -2.96 -8.54
CA VAL A 149 11.65 -2.07 -7.90
C VAL A 149 11.35 -0.90 -8.83
N LEU A 150 10.09 -0.49 -8.88
CA LEU A 150 9.66 0.73 -9.59
C LEU A 150 8.81 1.56 -8.62
N ILE A 151 9.20 2.81 -8.42
CA ILE A 151 8.47 3.71 -7.52
C ILE A 151 8.18 5.05 -8.19
N GLY A 152 7.05 5.63 -7.82
CA GLY A 152 6.71 6.96 -8.22
C GLY A 152 7.58 7.87 -7.40
N ASN A 153 7.88 9.06 -7.92
CA ASN A 153 8.79 9.95 -7.22
C ASN A 153 8.41 11.42 -7.41
N GLU A 154 7.11 11.66 -7.45
CA GLU A 154 6.55 13.01 -7.62
C GLU A 154 6.66 13.74 -6.29
N PRO A 155 7.24 14.97 -6.26
CA PRO A 155 7.34 15.74 -5.03
C PRO A 155 6.07 16.58 -4.82
N SER A 156 4.95 15.90 -4.64
CA SER A 156 3.63 16.53 -4.57
C SER A 156 2.73 15.71 -3.66
N LEU A 157 1.96 16.37 -2.81
CA LEU A 157 1.02 15.69 -1.91
C LEU A 157 -0.34 15.45 -2.55
N GLY A 158 -0.48 15.81 -3.82
CA GLY A 158 -1.70 15.48 -4.54
C GLY A 158 -1.69 13.98 -4.81
N VAL A 159 -2.82 13.32 -4.70
CA VAL A 159 -2.92 11.90 -5.08
C VAL A 159 -3.12 11.92 -6.59
N SER A 160 -2.06 11.62 -7.34
CA SER A 160 -2.09 11.76 -8.80
C SER A 160 -1.07 10.89 -9.50
N GLN A 161 -1.23 10.71 -10.81
CA GLN A 161 -0.25 9.96 -11.57
C GLN A 161 1.07 10.70 -11.53
N PRO A 162 2.16 10.02 -11.14
CA PRO A 162 3.41 10.75 -11.00
C PRO A 162 4.05 11.12 -12.35
N THR A 163 4.77 12.25 -12.36
CA THR A 163 5.51 12.72 -13.53
C THR A 163 6.99 12.38 -13.38
N ARG A 164 7.32 11.67 -12.31
CA ARG A 164 8.68 11.21 -12.08
C ARG A 164 8.61 9.84 -11.44
N ALA A 165 9.59 9.01 -11.75
CA ALA A 165 9.66 7.66 -11.23
C ALA A 165 11.09 7.19 -11.20
N LEU A 166 11.33 6.09 -10.48
N LEU A 166 11.38 6.15 -10.40
CA LEU A 166 12.66 5.55 -10.31
CA LEU A 166 12.72 5.56 -10.32
C LEU A 166 12.59 4.04 -10.39
C LEU A 166 12.59 4.06 -10.41
N LEU A 167 13.42 3.44 -11.25
CA LEU A 167 13.47 1.98 -11.35
C LEU A 167 14.84 1.56 -10.88
N PHE A 168 14.92 0.66 -9.93
CA PHE A 168 16.20 0.13 -9.48
C PHE A 168 16.16 -1.36 -9.25
N VAL A 169 17.34 -1.98 -9.22
CA VAL A 169 17.46 -3.42 -8.98
C VAL A 169 18.64 -3.69 -8.05
N ILE A 170 18.38 -4.46 -7.01
CA ILE A 170 19.37 -4.88 -6.06
C ILE A 170 19.37 -6.39 -6.03
N LEU A 171 20.48 -6.94 -5.53
CA LEU A 171 20.73 -8.39 -5.57
C LEU A 171 21.16 -8.91 -4.23
N CYS A 172 20.70 -10.11 -3.88
CA CYS A 172 21.05 -10.78 -2.64
C CYS A 172 21.45 -12.23 -2.83
N PRO A 173 22.67 -12.63 -2.38
CA PRO A 173 22.94 -14.07 -2.37
C PRO A 173 22.08 -14.73 -1.30
N VAL A 174 21.49 -15.87 -1.61
CA VAL A 174 20.63 -16.55 -0.63
C VAL A 174 20.92 -18.04 -0.51
N GLY A 175 20.73 -18.58 0.68
CA GLY A 175 20.84 -20.03 0.93
C GLY A 175 19.44 -20.64 0.88
N ALA A 176 19.16 -21.59 1.76
CA ALA A 176 17.81 -22.18 1.86
C ALA A 176 16.85 -21.24 2.61
N TYR A 177 15.56 -21.61 2.66
CA TYR A 177 14.54 -20.86 3.39
C TYR A 177 13.43 -21.84 3.78
N SER A 182 15.41 -27.26 2.44
CA SER A 182 14.21 -26.61 1.90
C SER A 182 12.94 -27.46 2.01
N VAL A 183 13.01 -28.59 2.72
CA VAL A 183 11.85 -29.49 2.95
C VAL A 183 11.55 -29.61 4.47
N THR A 184 11.55 -28.47 5.15
CA THR A 184 11.22 -28.39 6.57
C THR A 184 9.76 -27.93 6.60
N PRO A 185 8.83 -28.74 7.18
CA PRO A 185 7.39 -28.32 7.11
C PRO A 185 6.99 -27.26 8.13
N VAL A 186 5.94 -26.50 7.80
CA VAL A 186 5.46 -25.41 8.64
C VAL A 186 4.03 -25.58 9.13
N SER A 187 3.70 -24.84 10.18
CA SER A 187 2.34 -24.76 10.70
C SER A 187 1.71 -23.46 10.22
N LEU A 188 0.40 -23.48 9.98
CA LEU A 188 -0.34 -22.32 9.50
C LEU A 188 -1.47 -21.90 10.44
N LEU A 189 -1.62 -20.61 10.69
CA LEU A 189 -2.82 -20.07 11.36
C LEU A 189 -3.90 -19.78 10.31
N ALA A 190 -5.06 -20.38 10.44
CA ALA A 190 -6.19 -20.14 9.53
C ALA A 190 -7.36 -19.54 10.28
N ASP A 191 -7.41 -18.21 10.30
CA ASP A 191 -8.46 -17.47 10.98
C ASP A 191 -9.17 -16.59 9.95
N PRO A 192 -10.48 -16.78 9.76
CA PRO A 192 -11.22 -15.97 8.77
C PRO A 192 -11.27 -14.44 9.03
N ALA A 193 -10.88 -14.02 10.22
CA ALA A 193 -10.78 -12.61 10.54
C ALA A 193 -9.79 -11.90 9.63
N PHE A 194 -8.78 -12.62 9.15
CA PHE A 194 -7.71 -11.96 8.39
C PHE A 194 -7.95 -12.02 6.90
N ILE A 195 -7.76 -10.88 6.25
CA ILE A 195 -8.05 -10.76 4.83
C ILE A 195 -6.84 -10.17 4.11
N ARG A 196 -6.28 -10.94 3.18
CA ARG A 196 -5.10 -10.51 2.43
C ARG A 196 -5.48 -9.58 1.30
N ALA A 197 -6.61 -9.88 0.66
CA ALA A 197 -6.98 -9.25 -0.59
C ALA A 197 -8.48 -9.49 -0.82
N TRP A 198 -9.09 -8.68 -1.66
CA TRP A 198 -10.53 -8.84 -1.98
C TRP A 198 -10.77 -8.71 -3.48
N VAL A 199 -11.89 -9.29 -3.93
CA VAL A 199 -12.28 -9.22 -5.34
C VAL A 199 -12.63 -7.76 -5.62
N GLY A 200 -11.98 -7.19 -6.64
CA GLY A 200 -12.09 -5.78 -6.94
C GLY A 200 -10.91 -4.99 -6.37
N GLY A 201 -10.01 -5.67 -5.66
CA GLY A 201 -8.82 -5.05 -5.08
C GLY A 201 -7.58 -5.20 -5.94
N VAL A 202 -6.41 -5.21 -5.32
CA VAL A 202 -5.13 -5.31 -6.02
C VAL A 202 -4.21 -6.40 -5.48
N GLY A 203 -4.78 -7.38 -4.76
CA GLY A 203 -3.97 -8.51 -4.24
C GLY A 203 -3.33 -9.38 -5.30
N ASN A 204 -3.82 -9.28 -6.53
CA ASN A 204 -3.26 -10.01 -7.67
C ASN A 204 -2.13 -9.28 -8.37
N TYR A 205 -1.63 -8.20 -7.77
CA TYR A 205 -0.47 -7.45 -8.27
C TYR A 205 0.56 -7.43 -7.17
N LYS A 206 1.84 -7.37 -7.57
CA LYS A 206 2.93 -7.42 -6.61
C LYS A 206 3.28 -5.98 -6.19
N LEU A 207 2.37 -5.39 -5.40
CA LEU A 207 2.48 -3.99 -5.00
C LEU A 207 2.78 -3.93 -3.52
N GLY A 208 3.66 -3.01 -3.13
CA GLY A 208 4.04 -2.85 -1.74
C GLY A 208 2.91 -2.85 -0.75
N GLY A 209 1.82 -2.16 -1.11
CA GLY A 209 0.67 -2.00 -0.22
C GLY A 209 0.01 -3.27 0.28
N ASN A 210 0.16 -4.36 -0.47
CA ASN A 210 -0.42 -5.64 -0.06
C ASN A 210 0.34 -6.32 1.08
N TYR A 211 1.54 -5.81 1.41
CA TYR A 211 2.45 -6.51 2.34
C TYR A 211 2.49 -5.90 3.75
N GLY A 212 2.57 -4.59 3.83
CA GLY A 212 2.64 -3.90 5.11
C GLY A 212 1.55 -4.33 6.11
N PRO A 213 0.29 -4.44 5.67
CA PRO A 213 -0.79 -4.84 6.58
C PRO A 213 -0.70 -6.27 7.10
N THR A 214 0.12 -7.12 6.47
CA THR A 214 0.26 -8.50 6.89
C THR A 214 1.21 -8.70 8.08
N VAL A 215 2.06 -7.72 8.35
CA VAL A 215 3.06 -7.86 9.40
C VAL A 215 2.39 -8.14 10.75
N LEU A 216 1.36 -7.34 11.09
CA LEU A 216 0.65 -7.56 12.35
C LEU A 216 -0.02 -8.95 12.39
N VAL A 217 -0.57 -9.38 11.26
CA VAL A 217 -1.25 -10.67 11.21
C VAL A 217 -0.23 -11.79 11.44
N GLN A 218 0.95 -11.68 10.83
CA GLN A 218 2.00 -12.68 11.02
C GLN A 218 2.42 -12.72 12.49
N GLN A 219 2.49 -11.56 13.14
CA GLN A 219 2.76 -11.54 14.59
C GLN A 219 1.70 -12.30 15.41
N GLU A 220 0.44 -12.19 15.01
CA GLU A 220 -0.65 -12.94 15.67
C GLU A 220 -0.49 -14.44 15.46
N ALA A 221 -0.08 -14.84 14.26
CA ALA A 221 0.19 -16.25 13.97
C ALA A 221 1.27 -16.77 14.92
N LEU A 222 2.37 -16.04 15.03
CA LEU A 222 3.45 -16.44 15.95
C LEU A 222 2.96 -16.53 17.40
N LYS A 223 2.20 -15.52 17.83
CA LYS A 223 1.59 -15.54 19.18
C LYS A 223 0.73 -16.75 19.41
N ARG A 224 0.08 -17.25 18.37
CA ARG A 224 -0.75 -18.44 18.51
C ARG A 224 -0.01 -19.74 18.23
N GLY A 225 1.32 -19.68 18.13
CA GLY A 225 2.12 -20.90 17.97
C GLY A 225 2.25 -21.43 16.55
N CYS A 226 1.89 -20.62 15.56
CA CYS A 226 2.01 -21.02 14.16
C CYS A 226 3.12 -20.22 13.47
N GLU A 227 3.59 -20.74 12.36
CA GLU A 227 4.73 -20.18 11.65
C GLU A 227 4.37 -19.22 10.51
N GLN A 228 3.24 -19.47 9.86
CA GLN A 228 2.82 -18.65 8.73
C GLN A 228 1.30 -18.52 8.75
N VAL A 229 0.78 -17.64 7.89
CA VAL A 229 -0.66 -17.34 7.83
C VAL A 229 -1.31 -18.02 6.62
N LEU A 230 -2.33 -18.82 6.86
CA LEU A 230 -3.18 -19.34 5.78
C LEU A 230 -4.30 -18.31 5.53
N TRP A 231 -4.23 -17.62 4.40
CA TRP A 231 -5.17 -16.55 4.11
C TRP A 231 -6.49 -17.10 3.60
N LEU A 232 -7.52 -16.98 4.44
CA LEU A 232 -8.87 -17.39 4.05
C LEU A 232 -9.67 -16.22 3.48
N TYR A 233 -10.61 -16.53 2.59
CA TYR A 233 -11.45 -15.55 1.95
C TYR A 233 -12.85 -16.09 1.69
N GLY A 234 -13.85 -15.26 1.94
CA GLY A 234 -15.24 -15.59 1.57
C GLY A 234 -15.99 -16.38 2.62
N PRO A 235 -17.32 -16.48 2.45
CA PRO A 235 -18.13 -17.17 3.46
C PRO A 235 -17.88 -18.67 3.55
N ASP A 236 -17.34 -19.24 2.48
CA ASP A 236 -16.96 -20.64 2.44
C ASP A 236 -15.48 -20.88 2.85
N HIS A 237 -14.82 -19.87 3.38
CA HIS A 237 -13.46 -20.03 3.91
C HIS A 237 -12.53 -20.72 2.92
N GLN A 238 -12.40 -20.06 1.78
CA GLN A 238 -11.50 -20.48 0.73
C GLN A 238 -10.07 -20.29 1.17
N LEU A 239 -9.24 -21.28 0.90
CA LEU A 239 -7.80 -21.18 1.12
C LEU A 239 -7.19 -20.48 -0.09
N THR A 240 -6.59 -19.31 0.12
CA THR A 240 -6.13 -18.54 -1.04
C THR A 240 -4.61 -18.65 -1.26
N GLU A 241 -3.86 -18.24 -0.24
CA GLU A 241 -2.41 -18.17 -0.25
C GLU A 241 -1.91 -18.49 1.14
N VAL A 242 -0.61 -18.75 1.26
CA VAL A 242 0.03 -19.11 2.53
C VAL A 242 1.23 -18.19 2.65
N GLY A 243 1.20 -17.26 3.59
CA GLY A 243 2.27 -16.26 3.67
C GLY A 243 2.28 -15.48 2.37
N THR A 244 3.46 -15.37 1.77
CA THR A 244 3.66 -14.75 0.48
C THR A 244 3.92 -15.83 -0.58
N MET A 245 3.22 -16.96 -0.45
CA MET A 245 3.34 -18.10 -1.35
C MET A 245 1.95 -18.56 -1.83
N ASN A 246 1.90 -19.10 -3.03
CA ASN A 246 0.67 -19.73 -3.52
C ASN A 246 0.48 -21.08 -2.82
N ILE A 247 -0.76 -21.57 -2.74
CA ILE A 247 -1.06 -22.82 -2.06
C ILE A 247 -1.50 -23.91 -3.05
N PHE A 248 -1.02 -25.12 -2.80
CA PHE A 248 -1.37 -26.30 -3.61
C PHE A 248 -1.81 -27.39 -2.68
N VAL A 249 -2.77 -28.18 -3.15
CA VAL A 249 -3.22 -29.36 -2.45
C VAL A 249 -3.18 -30.55 -3.41
N TYR A 250 -2.56 -31.63 -2.96
CA TYR A 250 -2.48 -32.87 -3.72
C TYR A 250 -3.30 -33.88 -2.96
N TRP A 251 -4.41 -34.31 -3.56
CA TRP A 251 -5.35 -35.19 -2.90
C TRP A 251 -6.15 -36.02 -3.90
N THR A 252 -6.96 -36.92 -3.37
CA THR A 252 -8.00 -37.55 -4.16
C THR A 252 -9.24 -36.73 -3.89
N HIS A 253 -9.81 -36.13 -4.93
CA HIS A 253 -10.94 -35.24 -4.78
C HIS A 253 -12.21 -36.05 -4.47
N GLU A 254 -13.31 -35.35 -4.19
CA GLU A 254 -14.60 -35.97 -3.85
C GLU A 254 -15.21 -36.86 -4.95
N ASP A 255 -14.72 -36.72 -6.18
CA ASP A 255 -15.18 -37.55 -7.30
C ASP A 255 -14.28 -38.78 -7.47
N GLY A 256 -13.31 -38.96 -6.57
CA GLY A 256 -12.42 -40.13 -6.57
C GLY A 256 -11.22 -40.01 -7.48
N VAL A 257 -10.99 -38.82 -8.03
CA VAL A 257 -9.90 -38.62 -8.97
C VAL A 257 -8.73 -37.98 -8.24
N LEU A 258 -7.54 -38.56 -8.45
CA LEU A 258 -6.29 -38.02 -7.91
C LEU A 258 -6.00 -36.73 -8.65
N GLU A 259 -5.70 -35.68 -7.89
CA GLU A 259 -5.63 -34.35 -8.46
C GLU A 259 -4.68 -33.41 -7.71
N LEU A 260 -4.05 -32.53 -8.49
CA LEU A 260 -3.33 -31.37 -7.94
C LEU A 260 -4.21 -30.15 -8.18
N VAL A 261 -4.53 -29.41 -7.11
CA VAL A 261 -5.37 -28.22 -7.24
C VAL A 261 -4.68 -27.00 -6.62
N THR A 262 -4.86 -25.86 -7.27
CA THR A 262 -4.45 -24.56 -6.74
C THR A 262 -5.57 -23.57 -7.06
N PRO A 263 -5.76 -22.55 -6.21
CA PRO A 263 -6.87 -21.62 -6.48
C PRO A 263 -6.70 -20.89 -7.81
N PRO A 264 -7.80 -20.54 -8.48
CA PRO A 264 -7.75 -19.86 -9.76
C PRO A 264 -7.41 -18.38 -9.65
N LEU A 265 -6.95 -17.80 -10.74
CA LEU A 265 -6.61 -16.37 -10.77
C LEU A 265 -7.89 -15.56 -10.98
N ASN A 266 -8.67 -15.39 -9.92
CA ASN A 266 -9.94 -14.65 -10.01
C ASN A 266 -9.92 -13.32 -9.26
N GLY A 267 -8.74 -12.81 -8.94
CA GLY A 267 -8.63 -11.49 -8.33
C GLY A 267 -7.90 -11.44 -7.01
N VAL A 268 -7.99 -12.51 -6.21
CA VAL A 268 -7.37 -12.51 -4.88
C VAL A 268 -6.09 -13.32 -4.81
N ILE A 269 -5.65 -13.85 -5.95
CA ILE A 269 -4.46 -14.69 -6.02
C ILE A 269 -3.35 -13.99 -6.81
N LEU A 270 -2.16 -13.89 -6.22
CA LEU A 270 -1.01 -13.40 -6.96
C LEU A 270 -0.54 -14.51 -7.96
N PRO A 271 -0.46 -14.21 -9.27
CA PRO A 271 -0.06 -15.24 -10.26
C PRO A 271 1.43 -15.53 -10.19
N GLY A 272 1.78 -16.49 -9.35
CA GLY A 272 3.18 -16.80 -9.12
C GLY A 272 3.83 -17.47 -10.31
N VAL A 273 5.12 -17.21 -10.46
CA VAL A 273 5.93 -17.84 -11.51
C VAL A 273 6.18 -19.29 -11.12
N VAL A 274 6.44 -19.54 -9.83
CA VAL A 274 6.65 -20.93 -9.40
C VAL A 274 5.31 -21.69 -9.54
N ARG A 275 4.21 -21.08 -9.12
CA ARG A 275 2.87 -21.66 -9.27
C ARG A 275 2.63 -22.10 -10.71
N GLN A 276 2.87 -21.20 -11.67
CA GLN A 276 2.60 -21.54 -13.08
C GLN A 276 3.50 -22.68 -13.56
N SER A 277 4.75 -22.65 -13.11
CA SER A 277 5.74 -23.68 -13.43
C SER A 277 5.33 -25.04 -12.87
N LEU A 278 4.76 -25.07 -11.67
CA LEU A 278 4.29 -26.33 -11.09
C LEU A 278 3.12 -26.87 -11.89
N LEU A 279 2.19 -25.98 -12.26
CA LEU A 279 1.06 -26.39 -13.09
C LEU A 279 1.52 -26.90 -14.46
N ASP A 280 2.46 -26.19 -15.07
CA ASP A 280 3.02 -26.58 -16.38
C ASP A 280 3.68 -27.96 -16.31
N MET A 281 4.49 -28.15 -15.28
CA MET A 281 5.22 -29.38 -15.09
C MET A 281 4.31 -30.58 -14.89
N ALA A 282 3.34 -30.45 -13.99
CA ALA A 282 2.45 -31.56 -13.67
C ALA A 282 1.50 -31.87 -14.83
N GLN A 283 1.09 -30.84 -15.56
CA GLN A 283 0.22 -31.03 -16.70
C GLN A 283 1.00 -31.78 -17.79
N THR A 284 2.26 -31.41 -17.97
CA THR A 284 3.12 -32.08 -18.94
C THR A 284 3.33 -33.56 -18.59
N TRP A 285 3.45 -33.91 -17.31
CA TRP A 285 3.59 -35.33 -16.96
C TRP A 285 2.37 -36.15 -17.39
N GLY A 286 1.18 -35.58 -17.27
CA GLY A 286 -0.05 -36.26 -17.71
C GLY A 286 -0.43 -37.45 -16.85
N GLU A 287 -0.01 -37.45 -15.58
CA GLU A 287 -0.21 -38.60 -14.67
C GLU A 287 -1.40 -38.47 -13.74
N PHE A 288 -1.88 -37.26 -13.51
CA PHE A 288 -3.06 -37.04 -12.67
C PHE A 288 -3.69 -35.74 -13.12
N ARG A 289 -4.89 -35.46 -12.63
CA ARG A 289 -5.62 -34.27 -13.01
C ARG A 289 -4.98 -33.06 -12.33
N VAL A 290 -4.88 -31.97 -13.09
CA VAL A 290 -4.26 -30.73 -12.61
C VAL A 290 -5.25 -29.61 -12.90
N VAL A 291 -5.76 -28.99 -11.84
CA VAL A 291 -6.80 -27.99 -12.00
C VAL A 291 -6.56 -26.72 -11.22
N GLU A 292 -7.19 -25.65 -11.70
CA GLU A 292 -7.31 -24.43 -10.96
C GLU A 292 -8.76 -24.32 -10.50
N ARG A 293 -8.96 -24.44 -9.19
N ARG A 293 -8.96 -24.40 -9.19
CA ARG A 293 -10.29 -24.41 -8.58
CA ARG A 293 -10.29 -24.36 -8.59
C ARG A 293 -10.16 -23.91 -7.15
C ARG A 293 -10.15 -23.89 -7.15
N THR A 294 -11.18 -23.23 -6.63
CA THR A 294 -11.16 -22.80 -5.22
C THR A 294 -11.16 -24.04 -4.33
N ILE A 295 -10.60 -23.86 -3.15
CA ILE A 295 -10.44 -24.92 -2.16
C ILE A 295 -11.03 -24.37 -0.90
N THR A 296 -11.97 -25.09 -0.29
CA THR A 296 -12.56 -24.61 0.95
C THR A 296 -12.12 -25.42 2.16
N MET A 297 -12.20 -24.80 3.33
CA MET A 297 -11.87 -25.53 4.56
C MET A 297 -12.81 -26.73 4.74
N LYS A 298 -14.07 -26.59 4.33
CA LYS A 298 -15.04 -27.68 4.42
C LYS A 298 -14.53 -28.88 3.65
N GLN A 299 -14.09 -28.65 2.42
CA GLN A 299 -13.53 -29.74 1.61
C GLN A 299 -12.27 -30.33 2.25
N LEU A 300 -11.36 -29.48 2.73
CA LEU A 300 -10.14 -29.97 3.37
C LEU A 300 -10.43 -30.81 4.62
N LEU A 301 -11.31 -30.31 5.48
CA LEU A 301 -11.66 -31.04 6.72
C LEU A 301 -12.19 -32.43 6.37
N ARG A 302 -13.09 -32.49 5.39
CA ARG A 302 -13.67 -33.77 4.96
C ARG A 302 -12.62 -34.67 4.36
N ALA A 303 -11.77 -34.11 3.50
CA ALA A 303 -10.74 -34.90 2.86
C ALA A 303 -9.73 -35.45 3.90
N LEU A 304 -9.40 -34.66 4.91
CA LEU A 304 -8.50 -35.10 6.00
C LEU A 304 -9.14 -36.27 6.76
N GLU A 305 -10.41 -36.12 7.11
CA GLU A 305 -11.14 -37.19 7.82
C GLU A 305 -11.22 -38.48 7.00
N GLU A 306 -11.35 -38.36 5.68
CA GLU A 306 -11.45 -39.51 4.80
C GLU A 306 -10.10 -40.06 4.30
N GLY A 307 -8.99 -39.49 4.75
CA GLY A 307 -7.64 -39.94 4.37
C GLY A 307 -7.31 -39.69 2.90
N ARG A 308 -7.91 -38.66 2.31
CA ARG A 308 -7.71 -38.37 0.89
C ARG A 308 -6.60 -37.35 0.61
N VAL A 309 -6.14 -36.65 1.63
CA VAL A 309 -5.12 -35.61 1.43
C VAL A 309 -3.75 -36.23 1.47
N ARG A 310 -2.95 -36.02 0.44
N ARG A 310 -2.94 -36.01 0.44
CA ARG A 310 -1.58 -36.51 0.43
CA ARG A 310 -1.58 -36.49 0.42
C ARG A 310 -0.60 -35.42 0.87
C ARG A 310 -0.61 -35.40 0.88
N GLU A 311 -0.63 -34.27 0.18
CA GLU A 311 0.33 -33.17 0.44
C GLU A 311 -0.30 -31.78 0.28
N VAL A 312 0.11 -30.85 1.14
CA VAL A 312 -0.29 -29.46 1.04
C VAL A 312 1.03 -28.66 1.12
N PHE A 313 1.21 -27.69 0.24
CA PHE A 313 2.43 -26.92 0.22
C PHE A 313 2.26 -25.55 -0.39
N GLY A 314 3.19 -24.67 -0.06
CA GLY A 314 3.28 -23.36 -0.68
C GLY A 314 4.32 -23.35 -1.77
N SER A 315 4.14 -22.46 -2.73
CA SER A 315 5.13 -22.23 -3.80
C SER A 315 5.48 -20.75 -3.87
N GLY A 316 6.73 -20.46 -4.15
CA GLY A 316 7.15 -19.07 -4.29
C GLY A 316 8.65 -19.04 -4.47
N THR A 317 9.17 -17.93 -4.98
CA THR A 317 10.58 -17.88 -5.35
C THR A 317 11.57 -18.08 -4.19
N ALA A 318 11.38 -17.33 -3.10
CA ALA A 318 12.35 -17.36 -2.02
C ALA A 318 12.49 -18.74 -1.36
N CYS A 319 11.39 -19.48 -1.20
N CYS A 319 11.36 -19.45 -1.22
CA CYS A 319 11.45 -20.80 -0.53
CA CYS A 319 11.28 -20.72 -0.48
C CYS A 319 11.19 -21.99 -1.45
C CYS A 319 11.07 -21.95 -1.40
N GLN A 320 10.89 -21.73 -2.71
CA GLN A 320 10.63 -22.78 -3.71
C GLN A 320 9.30 -23.51 -3.43
N VAL A 321 9.35 -24.66 -2.78
CA VAL A 321 8.15 -25.44 -2.48
C VAL A 321 8.27 -25.90 -1.04
N CYS A 322 7.36 -25.42 -0.19
CA CYS A 322 7.45 -25.72 1.23
C CYS A 322 6.25 -26.52 1.74
N PRO A 323 6.52 -27.67 2.38
CA PRO A 323 5.42 -28.48 2.90
C PRO A 323 4.76 -27.87 4.11
N VAL A 324 3.51 -28.24 4.31
CA VAL A 324 2.72 -27.87 5.44
C VAL A 324 2.33 -29.12 6.24
N HIS A 325 2.48 -29.07 7.57
CA HIS A 325 2.13 -30.22 8.41
C HIS A 325 1.01 -29.97 9.41
N ARG A 326 0.63 -28.71 9.61
CA ARG A 326 -0.37 -28.38 10.61
C ARG A 326 -1.09 -27.11 10.27
N ILE A 327 -2.40 -27.12 10.52
CA ILE A 327 -3.21 -25.93 10.33
C ILE A 327 -4.08 -25.76 11.56
N LEU A 328 -3.97 -24.60 12.19
CA LEU A 328 -4.79 -24.28 13.35
C LEU A 328 -5.95 -23.46 12.83
N TYR A 329 -7.14 -24.07 12.77
CA TYR A 329 -8.31 -23.45 12.17
C TYR A 329 -9.23 -23.04 13.33
N LYS A 330 -9.04 -21.78 13.74
CA LYS A 330 -9.62 -21.21 14.97
C LYS A 330 -8.98 -21.88 16.20
N ASP A 331 -9.65 -22.82 16.85
CA ASP A 331 -9.06 -23.49 18.03
C ASP A 331 -8.74 -24.96 17.74
N ARG A 332 -8.98 -25.39 16.51
CA ARG A 332 -8.88 -26.79 16.15
C ARG A 332 -7.61 -27.03 15.36
N ASN A 333 -6.81 -27.96 15.87
CA ASN A 333 -5.49 -28.25 15.35
C ASN A 333 -5.57 -29.43 14.36
N LEU A 334 -5.24 -29.17 13.11
CA LEU A 334 -5.37 -30.17 12.05
C LEU A 334 -4.02 -30.66 11.59
N HIS A 335 -3.77 -31.95 11.73
CA HIS A 335 -2.55 -32.53 11.19
C HIS A 335 -2.71 -32.72 9.69
N ILE A 336 -1.72 -32.25 8.94
CA ILE A 336 -1.71 -32.41 7.50
C ILE A 336 -0.62 -33.43 7.19
N PRO A 337 -0.98 -34.55 6.53
CA PRO A 337 -0.04 -35.70 6.39
C PRO A 337 0.99 -35.64 5.26
N THR A 338 1.39 -34.42 4.87
CA THR A 338 2.34 -34.20 3.81
C THR A 338 3.61 -35.03 3.95
N MET A 339 4.23 -34.97 5.12
CA MET A 339 5.51 -35.64 5.34
C MET A 339 5.40 -37.16 5.37
N GLU A 340 4.28 -37.68 5.86
CA GLU A 340 4.04 -39.13 5.83
C GLU A 340 3.81 -39.62 4.40
N ASN A 341 3.55 -38.72 3.46
CA ASN A 341 3.29 -39.09 2.06
C ASN A 341 4.51 -38.85 1.15
N GLY A 342 5.68 -38.81 1.78
CA GLY A 342 6.95 -38.65 1.08
C GLY A 342 7.80 -37.52 1.61
N PRO A 343 7.48 -36.27 1.23
CA PRO A 343 6.39 -35.83 0.34
C PRO A 343 6.76 -36.08 -1.11
N GLU A 344 6.14 -37.08 -1.70
CA GLU A 344 6.55 -37.56 -3.03
C GLU A 344 6.43 -36.54 -4.15
N LEU A 345 5.33 -35.81 -4.19
CA LEU A 345 5.15 -34.78 -5.21
C LEU A 345 6.09 -33.60 -5.01
N ILE A 346 6.17 -33.10 -3.78
CA ILE A 346 7.09 -32.01 -3.49
C ILE A 346 8.50 -32.42 -3.91
N LEU A 347 8.93 -33.60 -3.51
CA LEU A 347 10.28 -34.06 -3.82
C LEU A 347 10.52 -34.13 -5.32
N ARG A 348 9.52 -34.63 -6.05
CA ARG A 348 9.64 -34.73 -7.50
C ARG A 348 9.75 -33.34 -8.14
N PHE A 349 8.87 -32.42 -7.76
CA PHE A 349 8.97 -31.05 -8.25
C PHE A 349 10.33 -30.43 -7.96
N GLN A 350 10.82 -30.59 -6.73
CA GLN A 350 12.11 -30.01 -6.34
C GLN A 350 13.26 -30.61 -7.14
N LYS A 351 13.23 -31.93 -7.33
CA LYS A 351 14.23 -32.61 -8.17
C LYS A 351 14.23 -32.09 -9.59
N GLU A 352 13.07 -32.03 -10.23
CA GLU A 352 13.02 -31.60 -11.63
C GLU A 352 13.36 -30.11 -11.80
N LEU A 353 12.91 -29.26 -10.89
CA LEU A 353 13.24 -27.83 -10.96
C LEU A 353 14.74 -27.62 -10.81
N LYS A 354 15.36 -28.33 -9.87
CA LYS A 354 16.81 -28.25 -9.66
C LYS A 354 17.56 -28.63 -10.95
N GLU A 355 17.16 -29.72 -11.59
CA GLU A 355 17.80 -30.14 -12.83
C GLU A 355 17.77 -29.03 -13.85
N ILE A 356 16.64 -28.32 -13.93
CA ILE A 356 16.49 -27.23 -14.88
C ILE A 356 17.27 -25.98 -14.44
N GLN A 357 17.12 -25.61 -13.17
CA GLN A 357 17.69 -24.37 -12.64
C GLN A 357 19.21 -24.34 -12.72
N TYR A 358 19.82 -25.46 -12.35
CA TYR A 358 21.28 -25.54 -12.32
C TYR A 358 21.93 -26.08 -13.62
N GLY A 359 21.16 -26.13 -14.69
CA GLY A 359 21.72 -26.49 -16.01
C GLY A 359 22.14 -27.94 -16.23
N ILE A 360 21.68 -28.83 -15.34
CA ILE A 360 21.89 -30.28 -15.52
C ILE A 360 21.16 -30.71 -16.78
N ARG A 361 19.96 -30.15 -16.95
CA ARG A 361 19.11 -30.42 -18.11
C ARG A 361 18.82 -29.12 -18.83
N ALA A 362 19.29 -29.00 -20.07
CA ALA A 362 19.05 -27.80 -20.89
C ALA A 362 17.56 -27.57 -21.02
N HIS A 363 17.14 -26.31 -20.94
CA HIS A 363 15.72 -26.00 -20.92
C HIS A 363 15.43 -24.54 -21.27
N GLU A 364 14.39 -24.35 -22.08
CA GLU A 364 13.96 -23.02 -22.55
C GLU A 364 13.46 -22.07 -21.44
N TRP A 365 13.22 -22.62 -20.26
CA TRP A 365 12.81 -21.83 -19.09
C TRP A 365 14.00 -20.99 -18.55
N MET A 366 15.22 -21.41 -18.88
CA MET A 366 16.40 -20.74 -18.37
C MET A 366 17.00 -19.75 -19.36
N PHE A 367 17.32 -18.56 -18.84
CA PHE A 367 17.86 -17.45 -19.59
C PHE A 367 19.32 -17.30 -19.16
N PRO A 368 20.27 -17.57 -20.08
CA PRO A 368 21.67 -17.48 -19.68
C PRO A 368 22.17 -16.05 -19.46
N VAL A 369 22.99 -15.86 -18.44
CA VAL A 369 23.64 -14.58 -18.16
C VAL A 369 24.99 -14.55 -18.89
N SER B 7 9.70 6.19 26.78
CA SER B 7 10.38 5.71 25.52
C SER B 7 10.21 6.70 24.35
N SER B 8 9.15 7.49 24.35
CA SER B 8 8.94 8.48 23.29
C SER B 8 10.06 9.50 23.23
N PHE B 9 10.28 10.02 22.03
CA PHE B 9 11.12 11.19 21.88
C PHE B 9 10.39 12.31 22.66
N LYS B 10 11.16 13.28 23.14
CA LYS B 10 10.64 14.35 23.98
C LYS B 10 10.85 15.69 23.32
N ALA B 11 9.82 16.53 23.34
CA ALA B 11 9.95 17.90 22.86
C ALA B 11 11.04 18.66 23.61
N ALA B 12 11.22 18.37 24.90
CA ALA B 12 12.27 18.95 25.73
C ALA B 12 13.69 18.74 25.13
N ASP B 13 13.86 17.71 24.29
CA ASP B 13 15.15 17.38 23.65
C ASP B 13 15.30 17.88 22.21
N LEU B 14 14.36 18.71 21.76
CA LEU B 14 14.34 19.22 20.39
C LEU B 14 15.62 19.96 20.01
N GLN B 15 16.24 19.50 18.91
CA GLN B 15 17.46 20.10 18.35
C GLN B 15 17.04 20.93 17.13
N LEU B 16 17.62 22.12 16.98
CA LEU B 16 17.22 23.03 15.94
C LEU B 16 18.38 23.51 15.07
N GLU B 17 18.24 23.33 13.77
CA GLU B 17 19.19 23.87 12.80
C GLU B 17 18.43 24.73 11.81
N MET B 18 18.73 26.03 11.83
CA MET B 18 18.11 26.97 10.91
C MET B 18 18.71 26.88 9.53
N THR B 19 17.89 27.16 8.53
CA THR B 19 18.28 27.06 7.13
C THR B 19 19.19 28.24 6.77
N GLN B 20 20.08 28.01 5.80
CA GLN B 20 20.90 29.05 5.23
C GLN B 20 20.57 29.18 3.74
N LYS B 21 19.51 28.51 3.31
CA LYS B 21 19.00 28.61 1.95
C LYS B 21 17.51 28.97 2.00
N PRO B 22 17.14 30.01 2.79
CA PRO B 22 15.70 30.34 2.88
C PRO B 22 15.11 30.68 1.52
N HIS B 23 13.92 30.15 1.25
CA HIS B 23 13.26 30.39 -0.02
C HIS B 23 12.34 31.58 0.09
N LYS B 24 12.11 32.20 -1.07
CA LYS B 24 11.17 33.27 -1.22
C LYS B 24 9.77 32.64 -1.12
N LYS B 25 8.91 33.25 -0.30
CA LYS B 25 7.54 32.80 -0.17
C LYS B 25 6.76 33.05 -1.46
N PRO B 26 5.63 32.34 -1.64
CA PRO B 26 4.78 32.59 -2.80
C PRO B 26 4.27 34.04 -2.83
N GLY B 27 4.26 34.64 -4.02
CA GLY B 27 3.78 36.01 -4.20
C GLY B 27 2.27 36.07 -4.32
N PRO B 31 -1.87 31.78 -6.38
CA PRO B 31 -1.51 30.69 -7.29
C PRO B 31 -0.88 29.48 -6.55
N LEU B 32 -1.31 29.24 -5.32
CA LEU B 32 -0.80 28.12 -4.52
C LEU B 32 -1.43 26.81 -4.98
N VAL B 33 -0.64 25.94 -5.59
CA VAL B 33 -1.12 24.62 -6.01
C VAL B 33 -0.99 23.68 -4.81
N PHE B 34 -2.08 23.01 -4.43
CA PHE B 34 -2.05 22.17 -3.23
C PHE B 34 -0.92 21.14 -3.22
N GLY B 35 -0.12 21.18 -2.16
CA GLY B 35 0.88 20.16 -1.89
C GLY B 35 2.14 20.17 -2.74
N LYS B 36 2.42 21.28 -3.41
CA LYS B 36 3.63 21.37 -4.22
C LYS B 36 4.65 22.37 -3.74
N THR B 37 4.26 23.31 -2.87
CA THR B 37 5.21 24.27 -2.32
C THR B 37 5.47 23.92 -0.87
N PHE B 38 6.75 23.86 -0.47
CA PHE B 38 7.11 23.49 0.89
C PHE B 38 7.86 24.62 1.56
N THR B 39 7.79 24.63 2.88
CA THR B 39 8.43 25.67 3.69
C THR B 39 9.90 25.34 3.94
N ASP B 40 10.59 26.22 4.66
CA ASP B 40 12.03 26.09 4.91
C ASP B 40 12.52 24.98 5.82
N HIS B 41 11.69 24.52 6.78
CA HIS B 41 12.12 23.53 7.75
C HIS B 41 11.22 22.30 7.80
N MET B 42 11.73 21.25 8.41
CA MET B 42 10.99 20.00 8.61
C MET B 42 11.34 19.39 9.96
N LEU B 43 10.47 18.52 10.45
CA LEU B 43 10.78 17.77 11.66
C LEU B 43 11.31 16.41 11.22
N MET B 44 12.29 15.90 11.94
CA MET B 44 12.78 14.55 11.70
C MET B 44 13.11 13.87 13.03
N VAL B 45 12.68 12.61 13.17
CA VAL B 45 13.01 11.80 14.34
C VAL B 45 13.31 10.38 13.86
N GLU B 46 14.41 9.83 14.37
CA GLU B 46 14.84 8.49 14.01
C GLU B 46 14.59 7.51 15.13
N TRP B 47 14.19 6.29 14.77
CA TRP B 47 13.97 5.22 15.72
C TRP B 47 14.79 4.00 15.30
N ASN B 48 15.44 3.36 16.27
CA ASN B 48 16.15 2.11 15.99
C ASN B 48 16.18 1.19 17.21
N ASP B 49 17.12 0.24 17.23
CA ASP B 49 17.22 -0.70 18.36
C ASP B 49 17.52 -0.01 19.70
N LYS B 50 17.95 1.25 19.65
CA LYS B 50 18.16 2.05 20.86
C LYS B 50 16.95 2.90 21.23
N GLY B 51 15.85 2.76 20.50
CA GLY B 51 14.65 3.57 20.72
C GLY B 51 14.65 4.83 19.88
N TRP B 52 13.86 5.82 20.27
CA TRP B 52 13.85 7.09 19.53
C TRP B 52 15.05 7.95 19.83
N GLY B 53 15.60 8.59 18.80
CA GLY B 53 16.63 9.57 19.02
C GLY B 53 15.96 10.86 19.43
N GLN B 54 16.75 11.94 19.46
CA GLN B 54 16.21 13.25 19.77
C GLN B 54 15.53 13.83 18.54
N PRO B 55 14.40 14.53 18.74
CA PRO B 55 13.76 15.10 17.57
C PRO B 55 14.49 16.32 17.10
N ARG B 56 14.47 16.58 15.79
CA ARG B 56 15.09 17.76 15.31
C ARG B 56 14.29 18.53 14.28
N ILE B 57 14.36 19.84 14.39
CA ILE B 57 13.87 20.74 13.37
C ILE B 57 15.11 21.03 12.55
N GLN B 58 15.03 20.76 11.26
CA GLN B 58 16.17 20.89 10.36
C GLN B 58 15.72 21.52 9.06
N PRO B 59 16.67 22.05 8.28
CA PRO B 59 16.25 22.58 7.00
C PRO B 59 15.62 21.51 6.13
N PHE B 60 14.68 21.95 5.30
CA PHE B 60 13.98 21.05 4.37
C PHE B 60 15.03 20.42 3.46
N GLN B 61 15.03 19.10 3.39
CA GLN B 61 16.07 18.40 2.66
C GLN B 61 15.63 16.98 2.28
N ASN B 62 16.42 16.34 1.44
CA ASN B 62 16.09 14.97 1.02
C ASN B 62 16.30 13.94 2.12
N LEU B 63 15.55 12.86 2.00
CA LEU B 63 15.71 11.69 2.82
C LEU B 63 16.77 10.81 2.16
N THR B 64 17.58 10.15 2.97
CA THR B 64 18.54 9.18 2.47
C THR B 64 18.08 7.82 2.96
N LEU B 65 17.73 6.92 2.04
CA LEU B 65 17.21 5.61 2.42
C LEU B 65 18.01 4.48 1.75
N HIS B 66 18.24 3.42 2.51
CA HIS B 66 18.88 2.20 2.03
C HIS B 66 17.94 1.63 0.98
N PRO B 67 18.48 1.12 -0.15
CA PRO B 67 17.62 0.62 -1.25
C PRO B 67 16.63 -0.49 -0.90
N ALA B 68 16.89 -1.21 0.19
CA ALA B 68 16.00 -2.27 0.68
C ALA B 68 14.97 -1.75 1.70
N SER B 69 14.90 -0.44 1.90
CA SER B 69 14.02 0.12 2.95
C SER B 69 12.61 -0.42 2.84
N SER B 70 12.11 -0.98 3.92
CA SER B 70 10.75 -1.57 3.91
C SER B 70 9.64 -0.55 3.61
N SER B 71 9.95 0.74 3.77
CA SER B 71 9.05 1.82 3.36
C SER B 71 8.73 1.76 1.87
N LEU B 72 9.71 1.31 1.08
CA LEU B 72 9.61 1.28 -0.38
C LEU B 72 9.23 -0.06 -1.00
N HIS B 73 9.46 -1.15 -0.27
CA HIS B 73 9.14 -2.49 -0.78
C HIS B 73 7.80 -3.02 -0.29
N TYR B 74 7.52 -2.80 0.99
CA TYR B 74 6.32 -3.39 1.62
C TYR B 74 5.41 -2.34 2.24
N SER B 75 5.53 -1.12 1.74
CA SER B 75 4.61 -0.05 2.13
C SER B 75 4.44 0.13 3.63
N LEU B 76 5.55 0.08 4.38
CA LEU B 76 5.48 0.41 5.81
C LEU B 76 5.50 1.92 5.88
N GLN B 77 4.32 2.49 5.69
CA GLN B 77 4.19 3.93 5.58
C GLN B 77 2.78 4.39 5.93
N LEU B 78 2.72 5.50 6.65
CA LEU B 78 1.46 6.12 7.02
C LEU B 78 1.65 7.62 7.08
N PHE B 79 0.54 8.35 7.02
CA PHE B 79 0.61 9.80 7.01
C PHE B 79 -0.60 10.44 7.70
N GLU B 80 -0.45 11.72 7.97
CA GLU B 80 -1.54 12.54 8.46
C GLU B 80 -1.62 13.82 7.66
N GLY B 81 -2.72 14.54 7.88
CA GLY B 81 -3.00 15.77 7.17
C GLY B 81 -3.91 16.62 8.04
N MET B 82 -3.43 17.81 8.38
CA MET B 82 -4.22 18.75 9.19
C MET B 82 -3.79 20.17 8.83
N LYS B 83 -4.66 21.14 9.11
CA LYS B 83 -4.35 22.52 8.75
C LYS B 83 -4.21 23.42 9.97
N ALA B 84 -3.31 24.38 9.80
CA ALA B 84 -3.11 25.48 10.69
C ALA B 84 -3.54 26.74 9.95
N PHE B 85 -4.16 27.65 10.69
CA PHE B 85 -4.74 28.86 10.14
C PHE B 85 -4.25 30.08 10.89
N LYS B 86 -4.09 31.18 10.15
CA LYS B 86 -3.58 32.44 10.71
C LYS B 86 -4.69 33.50 10.69
N GLY B 87 -5.06 33.97 11.88
CA GLY B 87 -6.07 35.00 11.99
C GLY B 87 -5.53 36.39 11.67
N LYS B 88 -6.43 37.38 11.70
CA LYS B 88 -6.08 38.80 11.48
C LYS B 88 -4.98 39.29 12.41
N ASP B 89 -5.01 38.84 13.67
CA ASP B 89 -3.99 39.22 14.63
C ASP B 89 -2.68 38.45 14.47
N GLN B 90 -2.59 37.60 13.44
CA GLN B 90 -1.36 36.85 13.12
C GLN B 90 -1.12 35.65 14.02
N GLN B 91 -2.09 35.32 14.86
CA GLN B 91 -2.01 34.15 15.71
C GLN B 91 -2.29 32.95 14.80
N VAL B 92 -1.47 31.91 14.92
CA VAL B 92 -1.64 30.69 14.14
C VAL B 92 -2.25 29.66 15.07
N ARG B 93 -3.22 28.90 14.57
CA ARG B 93 -3.88 27.87 15.36
C ARG B 93 -4.07 26.63 14.51
N LEU B 94 -3.87 25.47 15.11
CA LEU B 94 -4.11 24.18 14.46
C LEU B 94 -5.53 23.76 14.76
N PHE B 95 -6.19 23.13 13.77
CA PHE B 95 -7.55 22.63 13.92
C PHE B 95 -7.61 21.19 14.47
N ARG B 96 -8.11 21.06 15.69
CA ARG B 96 -8.32 19.77 16.34
C ARG B 96 -7.17 18.76 16.13
N PRO B 97 -5.92 19.20 16.32
CA PRO B 97 -4.78 18.30 16.01
C PRO B 97 -4.69 17.05 16.87
N TRP B 98 -5.27 17.07 18.07
CA TRP B 98 -5.27 15.89 18.94
C TRP B 98 -5.90 14.69 18.22
N LEU B 99 -6.90 14.93 17.39
CA LEU B 99 -7.55 13.84 16.67
C LEU B 99 -6.63 13.21 15.62
N ASN B 100 -5.87 14.03 14.93
CA ASN B 100 -4.87 13.56 13.99
C ASN B 100 -3.77 12.73 14.70
N MET B 101 -3.31 13.20 15.86
CA MET B 101 -2.32 12.46 16.65
C MET B 101 -2.88 11.09 17.06
N ASP B 102 -4.12 11.04 17.53
CA ASP B 102 -4.78 9.79 17.89
C ASP B 102 -4.82 8.85 16.68
N ARG B 103 -5.21 9.40 15.53
CA ARG B 103 -5.35 8.59 14.33
C ARG B 103 -3.98 8.07 13.86
N MET B 104 -2.97 8.94 13.93
CA MET B 104 -1.63 8.59 13.54
C MET B 104 -1.07 7.42 14.36
N LEU B 105 -1.29 7.44 15.67
CA LEU B 105 -0.85 6.37 16.55
C LEU B 105 -1.56 5.03 16.24
N ARG B 106 -2.86 5.10 15.93
CA ARG B 106 -3.60 3.91 15.54
C ARG B 106 -3.00 3.34 14.24
N SER B 107 -2.72 4.20 13.26
CA SER B 107 -2.07 3.77 12.03
C SER B 107 -0.74 3.08 12.31
N ALA B 108 0.08 3.67 13.19
CA ALA B 108 1.39 3.15 13.54
C ALA B 108 1.28 1.75 14.12
N MET B 109 0.35 1.57 15.06
CA MET B 109 0.12 0.25 15.64
C MET B 109 -0.34 -0.78 14.59
N ARG B 110 -1.17 -0.37 13.63
CA ARG B 110 -1.66 -1.31 12.63
C ARG B 110 -0.52 -1.85 11.74
N LEU B 111 0.51 -1.02 11.54
CA LEU B 111 1.66 -1.37 10.71
C LEU B 111 2.88 -1.79 11.54
N CYS B 112 2.68 -2.08 12.83
CA CYS B 112 3.80 -2.49 13.71
C CYS B 112 4.98 -1.50 13.64
N LEU B 113 4.66 -0.21 13.57
CA LEU B 113 5.67 0.85 13.60
C LEU B 113 5.75 1.38 15.05
N PRO B 114 6.84 2.07 15.42
CA PRO B 114 7.02 2.40 16.83
C PRO B 114 6.01 3.37 17.40
N SER B 115 5.60 3.11 18.63
CA SER B 115 4.71 4.02 19.33
C SER B 115 5.47 5.31 19.67
N PHE B 116 4.72 6.40 19.87
CA PHE B 116 5.25 7.67 20.31
C PHE B 116 4.21 8.33 21.22
N ASP B 117 4.62 9.39 21.91
CA ASP B 117 3.75 10.15 22.79
C ASP B 117 3.08 11.25 21.97
N LYS B 118 1.77 11.17 21.89
CA LYS B 118 1.00 12.09 21.07
C LYS B 118 1.20 13.56 21.41
N LEU B 119 1.29 13.88 22.70
CA LEU B 119 1.52 15.28 23.09
C LEU B 119 2.95 15.74 22.82
N GLU B 120 3.91 14.83 22.91
CA GLU B 120 5.29 15.14 22.55
C GLU B 120 5.38 15.46 21.08
N LEU B 121 4.73 14.65 20.24
CA LEU B 121 4.73 14.96 18.80
C LEU B 121 4.03 16.30 18.52
N LEU B 122 2.87 16.51 19.15
CA LEU B 122 2.11 17.75 18.93
C LEU B 122 2.96 18.97 19.28
N GLU B 123 3.69 18.90 20.39
CA GLU B 123 4.58 20.01 20.75
C GLU B 123 5.71 20.18 19.74
N CYS B 124 6.29 19.07 19.27
CA CYS B 124 7.33 19.19 18.22
C CYS B 124 6.78 19.86 16.97
N ILE B 125 5.56 19.47 16.58
CA ILE B 125 4.93 20.08 15.41
C ILE B 125 4.65 21.56 15.69
N ARG B 126 4.18 21.87 16.89
CA ARG B 126 3.94 23.28 17.24
C ARG B 126 5.23 24.08 17.06
N ARG B 127 6.34 23.54 17.54
CA ARG B 127 7.64 24.22 17.47
C ARG B 127 8.07 24.42 16.03
N LEU B 128 7.83 23.41 15.19
CA LEU B 128 8.18 23.50 13.78
C LEU B 128 7.38 24.60 13.09
N ILE B 129 6.06 24.63 13.30
CA ILE B 129 5.22 25.66 12.68
C ILE B 129 5.63 27.05 13.20
N GLU B 130 5.96 27.14 14.48
CA GLU B 130 6.42 28.40 15.09
C GLU B 130 7.67 28.89 14.35
N VAL B 131 8.64 28.01 14.12
CA VAL B 131 9.82 28.36 13.30
C VAL B 131 9.42 28.89 11.92
N ASP B 132 8.49 28.20 11.24
CA ASP B 132 8.07 28.61 9.90
C ASP B 132 6.78 29.42 9.91
N LYS B 133 6.50 30.14 11.00
CA LYS B 133 5.23 30.91 11.11
C LYS B 133 4.96 31.86 9.95
N ASP B 134 6.00 32.51 9.43
CA ASP B 134 5.85 33.45 8.34
C ASP B 134 5.38 32.81 7.03
N TRP B 135 5.50 31.49 6.93
CA TRP B 135 4.96 30.75 5.79
C TRP B 135 3.44 30.55 5.86
N VAL B 136 2.84 30.73 7.04
CA VAL B 136 1.40 30.53 7.14
C VAL B 136 0.73 31.76 6.54
N PRO B 137 0.03 31.60 5.40
CA PRO B 137 -0.60 32.75 4.78
C PRO B 137 -1.83 33.17 5.59
N ASP B 138 -2.32 34.40 5.36
CA ASP B 138 -3.51 34.92 6.07
C ASP B 138 -4.61 35.45 5.15
N ALA B 139 -4.44 35.28 3.84
CA ALA B 139 -5.47 35.64 2.89
C ALA B 139 -6.66 34.72 3.11
N ALA B 140 -7.85 35.23 2.79
CA ALA B 140 -9.08 34.47 2.91
C ALA B 140 -8.94 33.11 2.22
N GLY B 141 -9.37 32.06 2.91
CA GLY B 141 -9.35 30.72 2.37
C GLY B 141 -7.98 30.06 2.25
N THR B 142 -6.96 30.67 2.86
CA THR B 142 -5.63 30.07 2.83
C THR B 142 -5.29 29.49 4.18
N SER B 143 -4.33 28.56 4.17
CA SER B 143 -3.89 27.87 5.36
C SER B 143 -2.51 27.23 5.12
N LEU B 144 -1.98 26.61 6.16
CA LEU B 144 -0.77 25.81 6.07
C LEU B 144 -1.19 24.35 6.24
N TYR B 145 -0.87 23.53 5.25
CA TYR B 145 -1.14 22.09 5.35
C TYR B 145 0.04 21.43 6.02
N VAL B 146 -0.23 20.64 7.06
CA VAL B 146 0.76 19.94 7.85
C VAL B 146 0.70 18.44 7.56
N ARG B 147 1.85 17.88 7.15
CA ARG B 147 1.96 16.48 6.70
C ARG B 147 2.97 15.66 7.50
N PRO B 148 2.50 15.03 8.62
CA PRO B 148 3.34 14.12 9.34
C PRO B 148 3.36 12.78 8.60
N VAL B 149 4.48 12.08 8.71
CA VAL B 149 4.70 10.81 8.04
C VAL B 149 5.53 9.94 8.98
N LEU B 150 5.21 8.64 9.01
CA LEU B 150 6.00 7.67 9.74
C LEU B 150 6.25 6.50 8.80
N ILE B 151 7.51 6.17 8.58
CA ILE B 151 7.86 5.07 7.68
C ILE B 151 8.79 4.07 8.32
N GLY B 152 8.62 2.80 7.95
CA GLY B 152 9.57 1.77 8.32
C GLY B 152 10.85 1.95 7.51
N ASN B 153 11.96 1.47 8.05
CA ASN B 153 13.25 1.69 7.41
C ASN B 153 14.21 0.53 7.64
N GLU B 154 13.69 -0.70 7.57
CA GLU B 154 14.47 -1.91 7.76
C GLU B 154 15.15 -2.24 6.43
N PRO B 155 16.49 -2.44 6.43
CA PRO B 155 17.20 -2.72 5.18
C PRO B 155 17.23 -4.22 4.87
N SER B 156 16.05 -4.82 4.75
CA SER B 156 15.90 -6.25 4.58
C SER B 156 14.70 -6.54 3.71
N LEU B 157 14.80 -7.57 2.87
CA LEU B 157 13.71 -7.94 1.98
C LEU B 157 12.72 -8.95 2.56
N GLY B 158 12.96 -9.39 3.79
CA GLY B 158 12.01 -10.24 4.50
C GLY B 158 10.84 -9.36 4.93
N VAL B 159 9.63 -9.90 4.84
CA VAL B 159 8.46 -9.15 5.29
C VAL B 159 8.43 -9.30 6.81
N SER B 160 8.73 -8.23 7.53
CA SER B 160 8.86 -8.32 8.99
C SER B 160 8.64 -7.00 9.69
N GLN B 161 8.50 -7.05 11.01
CA GLN B 161 8.36 -5.82 11.81
C GLN B 161 9.69 -5.08 11.74
N PRO B 162 9.68 -3.80 11.33
CA PRO B 162 10.93 -3.06 11.23
C PRO B 162 11.59 -2.77 12.57
N THR B 163 12.92 -2.76 12.57
CA THR B 163 13.70 -2.43 13.76
C THR B 163 14.23 -1.00 13.63
N ARG B 164 13.83 -0.33 12.55
CA ARG B 164 14.23 1.06 12.30
C ARG B 164 13.04 1.75 11.66
N ALA B 165 12.92 3.05 11.91
CA ALA B 165 11.83 3.87 11.37
C ALA B 165 12.21 5.34 11.35
N LEU B 166 11.47 6.13 10.56
CA LEU B 166 11.65 7.57 10.48
C LEU B 166 10.31 8.27 10.60
N LEU B 167 10.25 9.30 11.45
CA LEU B 167 9.04 10.12 11.58
C LEU B 167 9.44 11.52 11.16
N PHE B 168 8.73 12.09 10.18
CA PHE B 168 9.05 13.43 9.73
C PHE B 168 7.78 14.20 9.43
N VAL B 169 7.92 15.52 9.40
CA VAL B 169 6.79 16.40 9.18
C VAL B 169 7.23 17.50 8.26
N ILE B 170 6.45 17.69 7.18
CA ILE B 170 6.66 18.77 6.25
C ILE B 170 5.39 19.63 6.15
N LEU B 171 5.58 20.84 5.63
CA LEU B 171 4.57 21.89 5.66
C LEU B 171 4.42 22.54 4.29
N CYS B 172 3.19 22.83 3.91
CA CYS B 172 2.86 23.42 2.58
C CYS B 172 1.87 24.56 2.72
N PRO B 173 2.24 25.79 2.31
CA PRO B 173 1.18 26.82 2.25
C PRO B 173 0.19 26.44 1.16
N VAL B 174 -1.10 26.59 1.43
CA VAL B 174 -2.11 26.28 0.42
C VAL B 174 -3.21 27.33 0.37
N GLY B 175 -4.01 27.27 -0.72
CA GLY B 175 -5.23 28.08 -0.88
C GLY B 175 -6.41 27.13 -0.88
N ALA B 176 -7.38 27.36 -1.78
CA ALA B 176 -8.48 26.41 -1.95
C ALA B 176 -7.97 25.20 -2.77
N TYR B 177 -8.86 24.25 -3.04
CA TYR B 177 -8.50 23.06 -3.85
C TYR B 177 -9.49 22.93 -5.00
N GLY B 181 -12.09 29.27 -4.30
CA GLY B 181 -13.12 28.48 -4.96
C GLY B 181 -13.40 27.17 -4.26
N SER B 182 -13.95 27.24 -3.04
CA SER B 182 -14.26 26.03 -2.24
C SER B 182 -15.72 25.55 -2.35
N VAL B 183 -16.54 26.21 -3.18
CA VAL B 183 -17.96 25.82 -3.38
C VAL B 183 -18.28 25.60 -4.87
N THR B 184 -17.44 24.82 -5.53
CA THR B 184 -17.63 24.43 -6.92
C THR B 184 -18.00 22.94 -6.88
N PRO B 185 -19.18 22.59 -7.44
CA PRO B 185 -19.66 21.21 -7.32
C PRO B 185 -18.98 20.25 -8.30
N VAL B 186 -19.00 18.95 -7.98
CA VAL B 186 -18.35 17.95 -8.84
C VAL B 186 -19.30 16.83 -9.25
N SER B 187 -18.85 16.09 -10.26
CA SER B 187 -19.57 14.93 -10.76
C SER B 187 -18.80 13.71 -10.29
N LEU B 188 -19.52 12.64 -10.00
CA LEU B 188 -18.93 11.43 -9.46
C LEU B 188 -19.23 10.22 -10.33
N LEU B 189 -18.23 9.36 -10.51
CA LEU B 189 -18.44 8.06 -11.14
C LEU B 189 -18.75 7.06 -10.03
N ALA B 190 -19.88 6.36 -10.16
CA ALA B 190 -20.30 5.34 -9.20
C ALA B 190 -20.33 3.96 -9.85
N ASP B 191 -19.18 3.32 -9.93
CA ASP B 191 -19.04 1.99 -10.54
C ASP B 191 -18.62 0.97 -9.48
N PRO B 192 -19.48 -0.03 -9.21
CA PRO B 192 -19.19 -1.01 -8.17
C PRO B 192 -17.99 -1.95 -8.41
N ALA B 193 -17.46 -1.95 -9.63
CA ALA B 193 -16.29 -2.77 -9.96
C ALA B 193 -15.05 -2.42 -9.12
N PHE B 194 -14.93 -1.15 -8.74
CA PHE B 194 -13.75 -0.66 -8.01
C PHE B 194 -14.05 -0.64 -6.51
N ILE B 195 -13.20 -1.27 -5.70
CA ILE B 195 -13.46 -1.36 -4.27
C ILE B 195 -12.29 -0.80 -3.46
N ARG B 196 -12.54 0.29 -2.76
CA ARG B 196 -11.49 1.03 -2.05
C ARG B 196 -10.93 0.28 -0.86
N ALA B 197 -11.81 -0.46 -0.18
CA ALA B 197 -11.52 -1.04 1.13
C ALA B 197 -12.56 -2.11 1.48
N TRP B 198 -12.18 -3.03 2.36
CA TRP B 198 -13.05 -4.15 2.74
C TRP B 198 -13.12 -4.23 4.27
N VAL B 199 -14.23 -4.73 4.79
CA VAL B 199 -14.38 -4.95 6.22
C VAL B 199 -13.31 -5.94 6.64
N GLY B 200 -12.55 -5.62 7.68
CA GLY B 200 -11.45 -6.47 8.11
C GLY B 200 -10.14 -6.02 7.49
N GLY B 201 -10.22 -5.06 6.56
CA GLY B 201 -9.04 -4.51 5.91
C GLY B 201 -8.48 -3.30 6.65
N VAL B 202 -7.82 -2.41 5.90
CA VAL B 202 -7.15 -1.25 6.50
C VAL B 202 -7.62 0.09 5.95
N GLY B 203 -8.80 0.09 5.34
CA GLY B 203 -9.35 1.31 4.75
C GLY B 203 -9.64 2.42 5.75
N ASN B 204 -9.81 2.04 7.02
CA ASN B 204 -10.06 3.00 8.09
C ASN B 204 -8.82 3.54 8.76
N TYR B 205 -7.66 3.24 8.17
CA TYR B 205 -6.38 3.82 8.61
C TYR B 205 -5.80 4.66 7.48
N LYS B 206 -5.08 5.71 7.81
CA LYS B 206 -4.50 6.59 6.78
C LYS B 206 -3.10 6.07 6.36
N LEU B 207 -3.12 4.96 5.65
CA LEU B 207 -1.90 4.25 5.19
C LEU B 207 -1.74 4.50 3.70
N GLY B 208 -0.49 4.71 3.28
CA GLY B 208 -0.17 4.98 1.88
C GLY B 208 -0.75 3.96 0.92
N GLY B 209 -0.72 2.70 1.31
CA GLY B 209 -1.22 1.61 0.48
C GLY B 209 -2.66 1.74 0.06
N ASN B 210 -3.44 2.55 0.77
CA ASN B 210 -4.83 2.74 0.36
C ASN B 210 -5.02 3.72 -0.78
N TYR B 211 -3.98 4.48 -1.13
CA TYR B 211 -4.12 5.59 -2.09
C TYR B 211 -3.60 5.26 -3.51
N GLY B 212 -2.42 4.67 -3.58
CA GLY B 212 -1.82 4.35 -4.89
C GLY B 212 -2.76 3.65 -5.83
N PRO B 213 -3.50 2.62 -5.36
CA PRO B 213 -4.43 1.91 -6.25
C PRO B 213 -5.61 2.73 -6.77
N THR B 214 -5.90 3.89 -6.15
CA THR B 214 -7.02 4.73 -6.58
C THR B 214 -6.70 5.58 -7.80
N VAL B 215 -5.41 5.81 -8.07
CA VAL B 215 -4.96 6.71 -9.15
C VAL B 215 -5.54 6.29 -10.50
N LEU B 216 -5.45 5.00 -10.82
CA LEU B 216 -6.02 4.48 -12.07
C LEU B 216 -7.54 4.60 -12.05
N VAL B 217 -8.18 4.39 -10.90
CA VAL B 217 -9.66 4.48 -10.84
C VAL B 217 -10.11 5.92 -11.14
N GLN B 218 -9.41 6.90 -10.57
CA GLN B 218 -9.65 8.32 -10.84
C GLN B 218 -9.46 8.64 -12.33
N GLN B 219 -8.43 8.08 -12.94
CA GLN B 219 -8.23 8.27 -14.39
C GLN B 219 -9.40 7.73 -15.22
N GLU B 220 -9.97 6.62 -14.78
CA GLU B 220 -11.13 6.03 -15.43
C GLU B 220 -12.36 6.92 -15.25
N ALA B 221 -12.48 7.54 -14.07
CA ALA B 221 -13.60 8.46 -13.82
C ALA B 221 -13.51 9.64 -14.80
N LEU B 222 -12.33 10.23 -14.91
CA LEU B 222 -12.08 11.34 -15.84
C LEU B 222 -12.40 10.93 -17.27
N LYS B 223 -11.92 9.76 -17.67
CA LYS B 223 -12.21 9.21 -18.99
C LYS B 223 -13.72 9.09 -19.24
N ARG B 224 -14.50 8.80 -18.20
CA ARG B 224 -15.95 8.73 -18.33
C ARG B 224 -16.66 10.06 -18.08
N GLY B 225 -15.91 11.16 -18.10
CA GLY B 225 -16.49 12.49 -17.97
C GLY B 225 -16.86 12.91 -16.56
N CYS B 226 -16.31 12.23 -15.56
CA CYS B 226 -16.58 12.52 -14.15
C CYS B 226 -15.32 13.07 -13.50
N GLU B 227 -15.47 13.72 -12.35
CA GLU B 227 -14.34 14.40 -11.70
C GLU B 227 -13.76 13.65 -10.50
N GLN B 228 -14.57 12.83 -9.84
CA GLN B 228 -14.13 12.08 -8.67
C GLN B 228 -14.84 10.74 -8.61
N VAL B 229 -14.36 9.87 -7.73
CA VAL B 229 -14.89 8.53 -7.57
C VAL B 229 -15.81 8.42 -6.37
N LEU B 230 -17.02 7.91 -6.59
CA LEU B 230 -17.91 7.54 -5.49
C LEU B 230 -17.65 6.07 -5.20
N TRP B 231 -17.09 5.79 -4.02
CA TRP B 231 -16.72 4.42 -3.68
C TRP B 231 -17.89 3.63 -3.11
N LEU B 232 -18.35 2.63 -3.89
CA LEU B 232 -19.46 1.77 -3.48
C LEU B 232 -18.94 0.50 -2.83
N TYR B 233 -19.71 0.00 -1.87
CA TYR B 233 -19.36 -1.20 -1.15
C TYR B 233 -20.56 -2.15 -0.96
N GLY B 234 -20.27 -3.44 -1.07
CA GLY B 234 -21.26 -4.47 -0.77
C GLY B 234 -22.24 -4.72 -1.90
N PRO B 235 -23.03 -5.80 -1.77
CA PRO B 235 -23.97 -6.18 -2.83
C PRO B 235 -25.09 -5.14 -3.00
N ASP B 236 -25.38 -4.39 -1.93
CA ASP B 236 -26.40 -3.32 -1.97
C ASP B 236 -25.86 -1.93 -2.31
N HIS B 237 -24.63 -1.86 -2.80
CA HIS B 237 -24.04 -0.60 -3.28
C HIS B 237 -24.14 0.56 -2.29
N GLN B 238 -23.51 0.36 -1.14
CA GLN B 238 -23.44 1.39 -0.12
C GLN B 238 -22.50 2.51 -0.58
N LEU B 239 -22.86 3.76 -0.29
CA LEU B 239 -22.02 4.91 -0.59
C LEU B 239 -21.07 5.05 0.60
N THR B 240 -19.76 4.97 0.37
CA THR B 240 -18.82 4.99 1.51
C THR B 240 -18.05 6.28 1.59
N GLU B 241 -17.31 6.60 0.53
CA GLU B 241 -16.48 7.81 0.44
C GLU B 241 -16.49 8.36 -0.98
N VAL B 242 -16.01 9.59 -1.12
CA VAL B 242 -15.91 10.27 -2.39
C VAL B 242 -14.49 10.79 -2.50
N GLY B 243 -13.73 10.20 -3.42
CA GLY B 243 -12.30 10.50 -3.52
C GLY B 243 -11.67 10.17 -2.17
N THR B 244 -10.90 11.12 -1.63
CA THR B 244 -10.30 10.99 -0.31
C THR B 244 -11.10 11.82 0.73
N MET B 245 -12.43 11.85 0.57
CA MET B 245 -13.30 12.64 1.44
C MET B 245 -14.44 11.79 1.93
N ASN B 246 -14.93 12.09 3.14
CA ASN B 246 -16.12 11.45 3.65
C ASN B 246 -17.37 11.97 2.95
N ILE B 247 -18.42 11.16 2.88
CA ILE B 247 -19.66 11.57 2.21
C ILE B 247 -20.80 11.84 3.17
N PHE B 248 -21.51 12.93 2.91
CA PHE B 248 -22.70 13.32 3.67
C PHE B 248 -23.90 13.51 2.73
N VAL B 249 -25.09 13.19 3.24
CA VAL B 249 -26.34 13.45 2.52
C VAL B 249 -27.29 14.15 3.50
N TYR B 250 -27.81 15.28 3.05
CA TYR B 250 -28.81 16.06 3.78
C TYR B 250 -30.12 15.82 3.04
N TRP B 251 -31.06 15.15 3.68
CA TRP B 251 -32.31 14.80 3.02
C TRP B 251 -33.47 14.62 3.99
N THR B 252 -34.68 14.45 3.42
CA THR B 252 -35.82 13.98 4.18
C THR B 252 -35.77 12.47 4.02
N HIS B 253 -35.63 11.74 5.13
CA HIS B 253 -35.49 10.30 5.08
C HIS B 253 -36.85 9.65 4.79
N GLU B 254 -36.83 8.36 4.44
CA GLU B 254 -38.02 7.56 4.12
C GLU B 254 -39.11 7.56 5.20
N ASP B 255 -38.78 7.99 6.42
CA ASP B 255 -39.76 8.10 7.50
C ASP B 255 -40.34 9.52 7.63
N GLY B 256 -40.06 10.40 6.68
CA GLY B 256 -40.57 11.78 6.68
C GLY B 256 -39.72 12.83 7.41
N VAL B 257 -38.73 12.38 8.17
CA VAL B 257 -37.88 13.27 9.00
C VAL B 257 -36.64 13.82 8.23
N LEU B 258 -36.40 15.12 8.38
CA LEU B 258 -35.25 15.79 7.79
C LEU B 258 -33.99 15.41 8.58
N GLU B 259 -32.95 14.95 7.87
CA GLU B 259 -31.76 14.48 8.53
C GLU B 259 -30.48 14.71 7.74
N LEU B 260 -29.38 14.76 8.46
CA LEU B 260 -28.04 14.76 7.87
C LEU B 260 -27.49 13.39 8.22
N VAL B 261 -27.11 12.63 7.20
CA VAL B 261 -26.62 11.27 7.41
C VAL B 261 -25.23 11.09 6.79
N THR B 262 -24.43 10.24 7.42
CA THR B 262 -23.12 9.87 6.91
C THR B 262 -22.92 8.41 7.29
N PRO B 263 -22.13 7.67 6.49
CA PRO B 263 -21.95 6.27 6.81
C PRO B 263 -21.25 6.06 8.14
N PRO B 264 -21.61 5.00 8.88
CA PRO B 264 -21.00 4.77 10.16
C PRO B 264 -19.60 4.16 10.05
N LEU B 265 -18.84 4.23 11.13
CA LEU B 265 -17.47 3.72 11.14
C LEU B 265 -17.45 2.22 11.32
N ASN B 266 -17.77 1.52 10.24
CA ASN B 266 -17.85 0.07 10.25
C ASN B 266 -16.59 -0.63 9.72
N GLY B 267 -15.52 0.13 9.45
CA GLY B 267 -14.29 -0.47 8.94
C GLY B 267 -13.83 0.00 7.56
N VAL B 268 -14.77 0.36 6.69
CA VAL B 268 -14.39 0.83 5.35
C VAL B 268 -14.44 2.35 5.22
N ILE B 269 -14.63 3.04 6.34
CA ILE B 269 -14.70 4.48 6.35
C ILE B 269 -13.54 5.01 7.14
N LEU B 270 -12.81 5.97 6.56
CA LEU B 270 -11.76 6.68 7.28
C LEU B 270 -12.45 7.69 8.20
N PRO B 271 -12.17 7.63 9.51
CA PRO B 271 -12.85 8.56 10.41
C PRO B 271 -12.29 9.96 10.34
N GLY B 272 -12.84 10.77 9.44
CA GLY B 272 -12.34 12.11 9.23
C GLY B 272 -12.55 13.07 10.40
N VAL B 273 -11.59 13.96 10.56
CA VAL B 273 -11.68 15.04 11.52
C VAL B 273 -12.76 16.01 11.10
N VAL B 274 -12.82 16.34 9.81
CA VAL B 274 -13.85 17.27 9.34
C VAL B 274 -15.22 16.58 9.51
N ARG B 275 -15.30 15.31 9.08
CA ARG B 275 -16.50 14.50 9.24
C ARG B 275 -17.04 14.61 10.68
N GLN B 276 -16.21 14.25 11.65
CA GLN B 276 -16.60 14.33 13.06
C GLN B 276 -17.05 15.74 13.47
N SER B 277 -16.34 16.76 12.97
CA SER B 277 -16.63 18.16 13.28
C SER B 277 -17.99 18.59 12.72
N LEU B 278 -18.33 18.10 11.52
CA LEU B 278 -19.65 18.39 10.94
C LEU B 278 -20.78 17.73 11.75
N LEU B 279 -20.59 16.48 12.14
CA LEU B 279 -21.57 15.80 13.00
C LEU B 279 -21.72 16.55 14.33
N ASP B 280 -20.59 16.95 14.91
CA ASP B 280 -20.56 17.67 16.18
C ASP B 280 -21.33 18.99 16.08
N MET B 281 -21.04 19.77 15.05
CA MET B 281 -21.71 21.05 14.83
C MET B 281 -23.21 20.90 14.64
N ALA B 282 -23.62 19.98 13.77
CA ALA B 282 -25.04 19.79 13.47
C ALA B 282 -25.81 19.23 14.67
N GLN B 283 -25.14 18.43 15.50
CA GLN B 283 -25.76 17.93 16.72
C GLN B 283 -25.95 19.09 17.70
N THR B 284 -24.96 19.96 17.81
CA THR B 284 -25.05 21.11 18.70
C THR B 284 -26.19 22.05 18.30
N TRP B 285 -26.37 22.26 17.00
CA TRP B 285 -27.49 23.10 16.54
C TRP B 285 -28.83 22.58 17.03
N GLY B 286 -29.02 21.27 17.00
CA GLY B 286 -30.26 20.63 17.43
C GLY B 286 -31.47 20.98 16.58
N GLU B 287 -31.25 21.24 15.30
CA GLU B 287 -32.33 21.67 14.39
C GLU B 287 -32.86 20.57 13.47
N PHE B 288 -32.17 19.45 13.41
CA PHE B 288 -32.60 18.30 12.60
C PHE B 288 -31.87 17.03 13.06
N ARG B 289 -32.33 15.88 12.61
CA ARG B 289 -31.72 14.63 13.01
C ARG B 289 -30.31 14.53 12.41
N VAL B 290 -29.37 14.06 13.22
CA VAL B 290 -27.98 13.82 12.78
C VAL B 290 -27.72 12.36 13.07
N VAL B 291 -27.40 11.58 12.03
CA VAL B 291 -27.31 10.14 12.17
C VAL B 291 -26.18 9.53 11.36
N GLU B 292 -25.62 8.47 11.91
CA GLU B 292 -24.65 7.64 11.18
C GLU B 292 -25.36 6.35 10.78
N ARG B 293 -25.63 6.22 9.49
CA ARG B 293 -26.30 5.05 8.95
C ARG B 293 -25.76 4.74 7.57
N THR B 294 -25.76 3.45 7.22
CA THR B 294 -25.46 3.03 5.87
C THR B 294 -26.40 3.73 4.90
N ILE B 295 -25.85 4.17 3.76
CA ILE B 295 -26.61 4.81 2.69
C ILE B 295 -26.40 3.95 1.44
N THR B 296 -27.50 3.48 0.83
CA THR B 296 -27.42 2.66 -0.37
C THR B 296 -27.88 3.43 -1.59
N MET B 297 -27.42 3.02 -2.78
CA MET B 297 -27.85 3.66 -4.02
C MET B 297 -29.35 3.48 -4.22
N LYS B 298 -29.92 2.36 -3.76
CA LYS B 298 -31.39 2.16 -3.85
C LYS B 298 -32.14 3.30 -3.11
N GLN B 299 -31.73 3.60 -1.88
CA GLN B 299 -32.31 4.69 -1.07
C GLN B 299 -32.13 6.04 -1.76
N LEU B 300 -30.95 6.28 -2.31
CA LEU B 300 -30.66 7.56 -2.94
C LEU B 300 -31.49 7.74 -4.22
N LEU B 301 -31.56 6.69 -5.03
CA LEU B 301 -32.37 6.71 -6.25
C LEU B 301 -33.83 7.05 -5.95
N ARG B 302 -34.40 6.39 -4.96
CA ARG B 302 -35.78 6.64 -4.57
C ARG B 302 -35.95 8.05 -4.03
N ALA B 303 -35.02 8.46 -3.15
CA ALA B 303 -35.09 9.79 -2.56
C ALA B 303 -35.02 10.88 -3.61
N LEU B 304 -34.18 10.69 -4.64
CA LEU B 304 -34.07 11.66 -5.72
C LEU B 304 -35.35 11.72 -6.55
N GLU B 305 -35.96 10.57 -6.82
CA GLU B 305 -37.23 10.54 -7.55
C GLU B 305 -38.33 11.28 -6.79
N GLU B 306 -38.34 11.11 -5.47
CA GLU B 306 -39.38 11.69 -4.63
C GLU B 306 -39.07 13.09 -4.15
N GLY B 307 -38.02 13.70 -4.71
CA GLY B 307 -37.63 15.08 -4.37
C GLY B 307 -37.16 15.33 -2.95
N ARG B 308 -36.68 14.30 -2.25
CA ARG B 308 -36.34 14.42 -0.84
C ARG B 308 -34.85 14.80 -0.55
N VAL B 309 -34.00 14.76 -1.58
CA VAL B 309 -32.57 15.06 -1.43
C VAL B 309 -32.34 16.55 -1.59
N ARG B 310 -31.66 17.15 -0.61
CA ARG B 310 -31.31 18.57 -0.68
C ARG B 310 -29.87 18.81 -1.07
N GLU B 311 -28.93 18.20 -0.36
CA GLU B 311 -27.51 18.42 -0.62
C GLU B 311 -26.72 17.13 -0.38
N VAL B 312 -25.71 16.95 -1.20
CA VAL B 312 -24.76 15.84 -1.06
C VAL B 312 -23.38 16.44 -1.16
N PHE B 313 -22.48 16.04 -0.28
CA PHE B 313 -21.14 16.63 -0.28
C PHE B 313 -20.09 15.78 0.42
N GLY B 314 -18.84 16.02 0.04
CA GLY B 314 -17.69 15.38 0.68
C GLY B 314 -17.11 16.30 1.75
N SER B 315 -16.46 15.71 2.75
CA SER B 315 -15.75 16.47 3.78
C SER B 315 -14.30 15.96 3.88
N GLY B 316 -13.37 16.88 4.14
CA GLY B 316 -11.95 16.51 4.28
C GLY B 316 -11.11 17.75 4.41
N THR B 317 -9.90 17.60 4.94
CA THR B 317 -9.06 18.76 5.27
C THR B 317 -8.69 19.63 4.08
N ALA B 318 -8.24 19.01 2.98
CA ALA B 318 -7.71 19.76 1.88
C ALA B 318 -8.76 20.60 1.15
N CYS B 319 -9.98 20.09 1.04
N CYS B 319 -9.96 20.04 1.05
CA CYS B 319 -11.03 20.82 0.29
CA CYS B 319 -11.04 20.60 0.24
C CYS B 319 -12.20 21.27 1.13
C CYS B 319 -12.25 21.07 1.07
N GLN B 320 -12.14 20.98 2.42
CA GLN B 320 -13.21 21.34 3.37
C GLN B 320 -14.53 20.63 3.12
N VAL B 321 -15.51 21.32 2.52
CA VAL B 321 -16.85 20.77 2.26
C VAL B 321 -17.11 21.02 0.78
N CYS B 322 -17.27 19.94 0.01
N CYS B 322 -17.24 19.95 -0.01
CA CYS B 322 -17.40 20.00 -1.45
CA CYS B 322 -17.39 20.09 -1.46
C CYS B 322 -18.75 19.50 -1.96
C CYS B 322 -18.70 19.52 -1.99
N PRO B 323 -19.52 20.36 -2.65
CA PRO B 323 -20.82 19.91 -3.16
C PRO B 323 -20.73 18.97 -4.37
N VAL B 324 -21.75 18.14 -4.52
CA VAL B 324 -21.84 17.16 -5.59
C VAL B 324 -23.13 17.46 -6.35
N HIS B 325 -23.03 17.55 -7.67
CA HIS B 325 -24.20 17.87 -8.52
C HIS B 325 -24.61 16.76 -9.50
N ARG B 326 -23.77 15.74 -9.65
CA ARG B 326 -24.05 14.64 -10.58
C ARG B 326 -23.39 13.33 -10.16
N ILE B 327 -24.12 12.23 -10.34
CA ILE B 327 -23.58 10.89 -10.12
C ILE B 327 -23.91 10.01 -11.32
N LEU B 328 -22.89 9.44 -11.94
CA LEU B 328 -23.05 8.49 -13.05
C LEU B 328 -23.05 7.06 -12.49
N TYR B 329 -24.19 6.39 -12.62
CA TYR B 329 -24.41 5.05 -12.04
C TYR B 329 -25.17 4.17 -13.02
N LYS B 330 -24.61 2.99 -13.29
CA LYS B 330 -25.20 2.03 -14.24
C LYS B 330 -25.55 2.77 -15.53
N ASP B 331 -24.57 3.50 -16.06
CA ASP B 331 -24.68 4.27 -17.30
C ASP B 331 -25.66 5.47 -17.30
N ARG B 332 -26.35 5.70 -16.18
CA ARG B 332 -27.32 6.79 -16.08
C ARG B 332 -26.78 7.95 -15.25
N ASN B 333 -26.99 9.16 -15.75
CA ASN B 333 -26.60 10.38 -15.04
C ASN B 333 -27.67 10.84 -14.08
N LEU B 334 -27.34 10.83 -12.79
CA LEU B 334 -28.25 11.28 -11.75
C LEU B 334 -27.94 12.71 -11.38
N HIS B 335 -28.93 13.60 -11.48
CA HIS B 335 -28.72 14.99 -11.11
C HIS B 335 -28.96 15.09 -9.62
N ILE B 336 -28.02 15.76 -8.93
CA ILE B 336 -28.11 15.93 -7.47
C ILE B 336 -28.31 17.41 -7.27
N PRO B 337 -29.45 17.80 -6.66
CA PRO B 337 -29.79 19.22 -6.61
C PRO B 337 -29.21 20.00 -5.44
N THR B 338 -27.93 19.79 -5.16
CA THR B 338 -27.24 20.43 -4.04
C THR B 338 -27.20 21.96 -4.14
N MET B 339 -26.74 22.47 -5.28
CA MET B 339 -26.64 23.90 -5.53
C MET B 339 -28.03 24.59 -5.52
N GLU B 340 -29.06 23.86 -5.92
CA GLU B 340 -30.45 24.37 -5.89
C GLU B 340 -30.97 24.59 -4.47
N ASN B 341 -30.37 23.90 -3.51
CA ASN B 341 -30.79 23.99 -2.12
C ASN B 341 -29.86 24.94 -1.34
N GLY B 342 -29.14 25.79 -2.08
CA GLY B 342 -28.32 26.88 -1.51
C GLY B 342 -26.90 26.94 -2.07
N PRO B 343 -26.05 25.98 -1.70
CA PRO B 343 -26.33 24.86 -0.82
C PRO B 343 -26.26 25.37 0.62
N GLU B 344 -27.42 25.42 1.25
CA GLU B 344 -27.61 26.07 2.54
C GLU B 344 -26.81 25.43 3.67
N LEU B 345 -26.88 24.11 3.79
CA LEU B 345 -26.16 23.43 4.86
C LEU B 345 -24.65 23.58 4.65
N ILE B 346 -24.20 23.33 3.43
CA ILE B 346 -22.78 23.49 3.08
C ILE B 346 -22.28 24.90 3.45
N LEU B 347 -22.99 25.93 2.99
CA LEU B 347 -22.60 27.32 3.26
C LEU B 347 -22.55 27.65 4.74
N ARG B 348 -23.48 27.09 5.50
CA ARG B 348 -23.54 27.27 6.95
C ARG B 348 -22.36 26.61 7.66
N PHE B 349 -22.06 25.37 7.27
CA PHE B 349 -20.88 24.68 7.77
C PHE B 349 -19.59 25.46 7.48
N GLN B 350 -19.42 25.91 6.24
CA GLN B 350 -18.21 26.66 5.85
C GLN B 350 -18.03 27.97 6.64
N LYS B 351 -19.13 28.67 6.86
CA LYS B 351 -19.06 29.92 7.61
C LYS B 351 -18.67 29.68 9.07
N GLU B 352 -19.30 28.70 9.71
CA GLU B 352 -19.04 28.42 11.13
C GLU B 352 -17.61 27.88 11.31
N LEU B 353 -17.20 26.97 10.42
CA LEU B 353 -15.83 26.48 10.45
C LEU B 353 -14.79 27.59 10.26
N LYS B 354 -15.01 28.47 9.28
CA LYS B 354 -14.12 29.58 9.04
C LYS B 354 -13.99 30.48 10.28
N GLU B 355 -15.11 30.78 10.91
CA GLU B 355 -15.09 31.62 12.14
C GLU B 355 -14.23 30.99 13.23
N ILE B 356 -14.37 29.68 13.40
CA ILE B 356 -13.56 28.95 14.38
C ILE B 356 -12.08 28.88 13.95
N GLN B 357 -11.85 28.44 12.71
CA GLN B 357 -10.46 28.27 12.21
C GLN B 357 -9.61 29.54 12.26
N TYR B 358 -10.20 30.67 11.91
CA TYR B 358 -9.49 31.93 11.86
C TYR B 358 -9.66 32.78 13.14
N GLY B 359 -10.30 32.22 14.16
CA GLY B 359 -10.34 32.87 15.50
C GLY B 359 -11.34 33.99 15.71
N ILE B 360 -12.28 34.13 14.78
CA ILE B 360 -13.39 35.07 14.90
C ILE B 360 -14.23 34.72 16.15
N ARG B 361 -14.32 33.44 16.46
CA ARG B 361 -14.95 32.94 17.67
C ARG B 361 -13.95 32.09 18.39
N ALA B 362 -13.71 32.37 19.66
CA ALA B 362 -12.90 31.47 20.47
C ALA B 362 -13.53 30.06 20.50
N HIS B 363 -12.69 29.03 20.53
CA HIS B 363 -13.21 27.68 20.50
C HIS B 363 -12.15 26.70 20.93
N GLU B 364 -12.54 25.71 21.73
CA GLU B 364 -11.60 24.69 22.23
C GLU B 364 -11.07 23.76 21.12
N TRP B 365 -11.65 23.80 19.93
CA TRP B 365 -11.17 23.00 18.81
C TRP B 365 -9.80 23.51 18.31
N MET B 366 -9.50 24.79 18.55
CA MET B 366 -8.28 25.38 18.03
C MET B 366 -7.14 25.30 19.05
N PHE B 367 -5.98 24.89 18.56
CA PHE B 367 -4.78 24.69 19.34
C PHE B 367 -3.83 25.80 18.95
N PRO B 368 -3.48 26.69 19.89
CA PRO B 368 -2.62 27.79 19.49
C PRO B 368 -1.14 27.39 19.34
N VAL B 369 -0.49 27.98 18.36
CA VAL B 369 0.92 27.78 18.06
C VAL B 369 1.70 28.89 18.76
N1 PLP C . 1.89 -14.78 -3.34
C2 PLP C . 2.26 -13.57 -2.90
C2A PLP C . 1.47 -12.85 -1.83
C3 PLP C . 3.47 -12.91 -3.46
O3 PLP C . 3.87 -11.68 -3.05
C4 PLP C . 4.23 -13.60 -4.54
C4A PLP C . 5.43 -12.94 -5.14
C5 PLP C . 3.72 -14.96 -4.91
C6 PLP C . 2.58 -15.45 -4.29
C5A PLP C . 4.34 -15.78 -6.01
O4P PLP C . 5.72 -15.69 -6.11
P PLP C . 6.58 -16.32 -7.31
O1P PLP C . 6.18 -17.78 -7.46
O2P PLP C . 6.28 -15.46 -8.51
O3P PLP C . 7.92 -16.18 -6.65
C1 775 D . 7.52 -11.06 -1.00
C2 775 D . 8.72 -11.62 -1.76
C3 775 D . 9.95 -11.95 -0.92
C4 775 D . 9.59 -12.84 0.20
C5 775 D . 9.48 -12.44 1.48
C6 775 D . 9.11 -13.31 2.56
O7 775 D . 9.02 -12.97 3.74
N8 775 D . 8.87 -14.61 2.15
N9 775 D . 8.50 -15.58 3.03
C10 775 D . 8.36 -16.66 2.26
N11 775 D . 7.99 -17.89 2.71
C12 775 D . 7.49 -18.18 4.06
C13 775 D . 6.57 -19.36 3.96
C14 775 D . 6.99 -20.62 4.31
C15 775 D . 6.12 -21.69 4.18
C16 775 D . 4.85 -21.46 3.70
CL1 775 D . 3.75 -22.78 3.51
C18 775 D . 4.41 -20.20 3.37
C19 775 D . 5.29 -19.14 3.50
C20 775 D . 8.64 -16.37 0.90
C21 775 D . 8.61 -17.24 -0.20
N22 775 D . 8.58 -17.98 -1.09
C23 775 D . 8.98 -15.04 0.86
N24 775 D . 9.33 -14.17 -0.11
CL CL E . -4.17 -12.36 -12.44
CL CL F . 9.11 -18.68 -19.72
C1 EDO G . 6.16 -13.92 6.41
O1 EDO G . 5.66 -13.28 5.23
C2 EDO G . 7.69 -13.83 6.46
O2 EDO G . 8.25 -14.98 5.81
C1 EDO H . -8.38 11.64 -6.25
O1 EDO H . -8.16 11.26 -4.88
C2 EDO H . -7.33 12.67 -6.65
O2 EDO H . -7.72 13.96 -6.18
C1 EDO I . 8.93 -29.28 -18.15
O1 EDO I . 9.61 -28.78 -19.30
C2 EDO I . 7.52 -28.72 -18.19
O2 EDO I . 7.49 -27.48 -18.91
C1 EDO J . 3.47 -16.04 -13.96
O1 EDO J . 2.78 -16.07 -15.22
C2 EDO J . 3.76 -14.62 -13.56
O2 EDO J . 2.55 -13.85 -13.46
C1 EDO K . 4.68 -38.23 -7.66
O1 EDO K . 4.41 -37.90 -9.01
C2 EDO K . 3.50 -37.89 -6.76
O2 EDO K . 2.57 -38.97 -6.75
C1 EDO L . -14.51 -15.15 -5.00
O1 EDO L . -15.27 -15.69 -3.91
C2 EDO L . -13.05 -15.56 -4.83
O2 EDO L . -12.92 -16.96 -5.07
C1 EDO M . -13.74 -11.79 3.22
O1 EDO M . -13.43 -13.09 3.69
C2 EDO M . -14.82 -11.88 2.17
O2 EDO M . -16.05 -12.25 2.79
C1 EDO N . 25.91 -26.39 -16.75
O1 EDO N . 25.96 -25.19 -15.97
C2 EDO N . 26.38 -27.58 -15.92
O2 EDO N . 27.35 -27.15 -14.96
C1 EDO O . -16.03 -29.51 -6.24
O1 EDO O . -15.86 -30.23 -7.45
C2 EDO O . -16.98 -28.38 -6.46
O2 EDO O . -18.30 -28.90 -6.29
C1 EDO P . 18.22 -6.52 -25.85
O1 EDO P . 19.41 -5.75 -25.69
C2 EDO P . 17.14 -5.64 -26.44
O2 EDO P . 17.70 -4.68 -27.35
C1 EDO Q . 9.87 -17.08 -23.86
O1 EDO Q . 9.27 -18.22 -23.25
C2 EDO Q . 11.37 -17.31 -23.89
O2 EDO Q . 11.96 -16.68 -25.04
C1 EDO R . -7.52 -10.30 16.12
O1 EDO R . -6.49 -11.14 16.67
C2 EDO R . -8.33 -11.06 15.08
O2 EDO R . -8.43 -12.45 15.43
C1 GOL S . 4.56 -42.37 0.88
O1 GOL S . 3.92 -41.93 -0.32
C2 GOL S . 5.99 -42.75 0.55
O2 GOL S . 6.48 -41.86 -0.46
C3 GOL S . 6.88 -42.72 1.79
O3 GOL S . 7.40 -44.04 2.02
N1 PLP T . -11.38 9.66 3.54
C2 PLP T . -10.15 9.28 3.13
C2A PLP T . -9.99 8.15 2.14
C3 PLP T . -8.98 9.96 3.64
O3 PLP T . -7.75 9.60 3.23
C4 PLP T . -9.16 11.07 4.62
C4A PLP T . -7.94 11.73 5.12
C5 PLP T . -10.55 11.40 4.98
C6 PLP T . -11.59 10.65 4.43
C5A PLP T . -10.97 12.46 5.99
O4P PLP T . -9.98 13.38 6.24
P PLP T . -9.98 14.54 7.37
O1P PLP T . -11.41 15.01 7.51
O2P PLP T . -9.45 13.85 8.61
O3P PLP T . -9.02 15.49 6.74
C1 775 U . -4.79 12.29 1.10
C2 775 U . -4.94 13.63 1.83
C3 775 U . -4.50 14.78 0.94
C4 775 U . -5.43 14.94 -0.20
C5 775 U . -5.13 14.64 -1.47
C6 775 U . -6.06 14.78 -2.56
O7 775 U . -5.81 14.51 -3.72
N8 775 U . -7.30 15.27 -2.16
N9 775 U . -8.32 15.48 -3.02
C10 775 U . -9.30 15.94 -2.25
N11 775 U . -10.55 16.28 -2.72
C12 775 U . -11.05 15.94 -4.06
C13 775 U . -12.53 15.82 -4.00
C14 775 U . -13.35 16.88 -4.33
C15 775 U . -14.73 16.73 -4.22
C16 775 U . -15.27 15.54 -3.77
CL1 775 U . -17.00 15.34 -3.61
C18 775 U . -14.44 14.49 -3.45
C19 775 U . -13.07 14.64 -3.55
C20 775 U . -8.91 16.02 -0.89
C21 775 U . -9.64 16.47 0.24
N22 775 U . -10.23 16.88 1.16
C23 775 U . -7.61 15.58 -0.87
N24 775 U . -6.69 15.42 0.10
CL CL V . -12.73 3.66 12.74
CL CL W . -10.70 18.18 19.40
C1 EDO X . -19.48 23.65 18.66
O1 EDO X . -19.11 24.69 17.74
C2 EDO X . -19.31 22.32 17.96
O2 EDO X . -20.15 21.36 18.60
C1 EDO Y . -28.99 24.38 7.22
O1 EDO Y . -29.38 25.06 8.41
C2 EDO Y . -30.11 24.44 6.19
O2 EDO Y . -31.14 23.54 6.58
C1 EDO Z . 17.62 9.98 7.85
O1 EDO Z . 17.66 11.30 8.37
C2 EDO Z . 16.91 10.02 6.51
O2 EDO Z . 17.51 11.00 5.68
C1 EDO AA . 4.73 17.48 27.04
O1 EDO AA . 5.98 17.19 27.70
C2 EDO AA . 4.96 18.22 25.74
O2 EDO AA . 5.70 19.43 25.98
#